data_7ZTH
#
_entry.id   7ZTH
#
_cell.length_a   1.00
_cell.length_b   1.00
_cell.length_c   1.00
_cell.angle_alpha   90.00
_cell.angle_beta   90.00
_cell.angle_gamma   90.00
#
_symmetry.space_group_name_H-M   'P 1'
#
loop_
_entity.id
_entity.type
_entity.pdbx_description
1 polymer 'PLP-dependent aminotransferase family protein'
2 polymer 'DNA (48-MER)'
3 polymer 'DNA (48-MER)'
#
loop_
_entity_poly.entity_id
_entity_poly.type
_entity_poly.pdbx_seq_one_letter_code
_entity_poly.pdbx_strand_id
1 'polypeptide(L)'
;MELLWCELNRDLPTPLYEQLYAHIKTEITEGRIGYGTKLPSKRKLADSLKLSQNTVEAAYEQLVAEGYVEVIPRKGFYVQ
AYEDLEYIRAPQAPGDALATKQDTIRYNFHPTHIDTTSFPFEQWRKYFKQTMCKENHRLLLNGDHQGEASFRREIAYYLH
HSRGVNCTPEQVVVGAGVETLLQQLFLLLGESKVYGIEDPGYQLMRKLLSHYPNDYVPFQVDEEGIDVDSIVRTAVDVVY
TTPSRHFPYGSVLSINRRKQLLHWAEAHENRYIIEDDYDSEFRYTGKTIPSLQSMDVHNKVIYLGAFS(LLP)SLIPSVR
ISYMVLPAPLAHLYKNKFSYYHSTVSRIDQQVLTAFMKQGDFEKHLNRMRKIYRRKLEKVLSLLKRYEDKLLIIGERSGL
HIVLVVKNGMDEQTLVEKALAAKAKVYPLSAYSLERAIHPPQIVLGFGSIPEDELEEAIATVLNAWGFLVPRGSLEHHHH
HH
;
A,B
2 'polydeoxyribonucleotide'
;(DC)(DT)(DG)(DA)(DC)(DC)(DT)(DC)(DA)(DT)(DC)(DA)(DT)(DT)(DT)(DT)(DC)(DT)(DT)(DA)
(DA)(DA)(DA)(DA)(DC)(DT)(DG)(DA)(DC)(DA)(DC)(DT)(DT)(DA)(DC)(DA)(DA)(DT)(DG)(DT)
(DG)(DG)(DT)(DC)(DA)(DG)(DT)(DT)
;
C
3 'polydeoxyribonucleotide'
;(DA)(DA)(DC)(DT)(DG)(DA)(DC)(DC)(DA)(DC)(DA)(DT)(DT)(DG)(DT)(DA)(DA)(DG)(DT)(DG)
(DT)(DC)(DA)(DG)(DT)(DT)(DT)(DT)(DT)(DA)(DA)(DG)(DA)(DA)(DA)(DA)(DT)(DG)(DA)(DT)
(DG)(DA)(DG)(DG)(DT)(DC)(DA)(DG)
;
D
#
loop_
_chem_comp.id
_chem_comp.type
_chem_comp.name
_chem_comp.formula
DA DNA linking 2'-DEOXYADENOSINE-5'-MONOPHOSPHATE 'C10 H14 N5 O6 P'
DC DNA linking 2'-DEOXYCYTIDINE-5'-MONOPHOSPHATE 'C9 H14 N3 O7 P'
DG DNA linking 2'-DEOXYGUANOSINE-5'-MONOPHOSPHATE 'C10 H14 N5 O7 P'
DT DNA linking THYMIDINE-5'-MONOPHOSPHATE 'C10 H15 N2 O8 P'
#
# COMPACT_ATOMS: atom_id res chain seq x y z
N ILE A 105 -0.76 -9.31 26.58
CA ILE A 105 -1.94 -10.16 26.65
C ILE A 105 -2.81 -9.67 27.81
N ARG A 106 -4.12 -9.69 27.58
CA ARG A 106 -5.22 -9.57 28.55
C ARG A 106 -5.42 -8.16 29.11
N TYR A 107 -4.39 -7.33 29.05
CA TYR A 107 -4.50 -5.94 29.50
C TYR A 107 -3.39 -5.18 28.76
N ASN A 108 -3.75 -4.51 27.67
CA ASN A 108 -2.80 -3.86 26.79
C ASN A 108 -3.18 -2.39 26.64
N PHE A 109 -2.63 -1.55 27.53
CA PHE A 109 -2.91 -0.12 27.47
C PHE A 109 -2.08 0.44 26.33
N HIS A 110 -2.58 0.31 25.12
CA HIS A 110 -1.80 0.83 24.01
C HIS A 110 -1.99 2.34 23.92
N PRO A 111 -0.94 3.09 23.62
CA PRO A 111 -1.05 4.55 23.63
C PRO A 111 -1.94 5.13 22.56
N THR A 112 -2.19 4.43 21.46
CA THR A 112 -3.05 5.05 20.45
C THR A 112 -3.99 4.06 19.76
N HIS A 113 -4.44 3.02 20.44
CA HIS A 113 -5.37 2.06 19.85
C HIS A 113 -6.78 2.64 19.80
N ILE A 114 -7.77 1.78 19.55
CA ILE A 114 -9.17 2.17 19.60
C ILE A 114 -9.90 1.06 20.36
N ASP A 115 -11.11 1.37 20.81
CA ASP A 115 -11.98 0.37 21.41
C ASP A 115 -12.46 -0.63 20.36
N THR A 116 -12.54 -1.89 20.77
CA THR A 116 -12.91 -2.96 19.84
C THR A 116 -14.41 -3.05 19.59
N THR A 117 -15.21 -3.12 20.65
CA THR A 117 -16.56 -3.64 20.58
C THR A 117 -17.63 -2.59 20.29
N SER A 118 -17.32 -1.50 19.59
CA SER A 118 -18.28 -0.43 19.47
C SER A 118 -18.48 0.10 18.06
N PHE A 119 -17.73 -0.37 17.07
CA PHE A 119 -17.98 0.10 15.72
C PHE A 119 -19.25 -0.54 15.17
N PRO A 120 -20.06 0.19 14.41
CA PRO A 120 -21.29 -0.40 13.88
C PRO A 120 -21.05 -1.42 12.77
N PHE A 121 -21.19 -2.71 13.08
CA PHE A 121 -21.07 -3.73 12.05
C PHE A 121 -22.25 -3.68 11.09
N GLU A 122 -23.46 -3.81 11.63
CA GLU A 122 -24.68 -3.95 10.84
C GLU A 122 -25.06 -2.66 10.12
N GLN A 123 -24.42 -1.55 10.44
CA GLN A 123 -24.53 -0.35 9.64
C GLN A 123 -23.46 -0.30 8.55
N TRP A 124 -22.30 -0.90 8.82
CA TRP A 124 -21.22 -1.00 7.84
C TRP A 124 -21.55 -1.95 6.71
N ARG A 125 -22.32 -3.02 7.00
CA ARG A 125 -22.62 -4.02 5.98
C ARG A 125 -23.53 -3.49 4.89
N LYS A 126 -24.43 -2.57 5.22
CA LYS A 126 -25.48 -2.16 4.29
C LYS A 126 -24.96 -1.36 3.12
N TYR A 127 -23.95 -0.51 3.35
CA TYR A 127 -23.44 0.31 2.25
C TYR A 127 -22.60 -0.47 1.27
N PHE A 128 -22.32 -1.76 1.55
CA PHE A 128 -21.61 -2.59 0.58
C PHE A 128 -22.49 -2.97 -0.58
N LYS A 129 -23.80 -3.12 -0.34
CA LYS A 129 -24.68 -3.72 -1.32
C LYS A 129 -25.14 -2.76 -2.39
N GLN A 130 -24.73 -1.49 -2.34
CA GLN A 130 -24.82 -0.65 -3.50
C GLN A 130 -23.52 -0.63 -4.29
N THR A 131 -22.42 -1.07 -3.66
CA THR A 131 -21.10 -1.02 -4.29
C THR A 131 -20.76 -2.24 -5.12
N MET A 132 -21.02 -3.44 -4.63
CA MET A 132 -20.67 -4.67 -5.34
C MET A 132 -21.93 -5.47 -5.57
N CYS A 133 -22.63 -5.15 -6.66
CA CYS A 133 -23.87 -5.77 -7.07
C CYS A 133 -23.83 -6.03 -8.57
N LYS A 134 -24.90 -6.63 -9.11
CA LYS A 134 -24.88 -7.21 -10.44
C LYS A 134 -24.76 -6.19 -11.58
N GLU A 135 -25.17 -4.94 -11.35
CA GLU A 135 -24.83 -3.92 -12.32
C GLU A 135 -23.40 -3.48 -12.17
N ASN A 136 -22.87 -3.51 -10.96
CA ASN A 136 -21.54 -3.02 -10.67
C ASN A 136 -20.51 -4.06 -11.11
N HIS A 137 -19.91 -3.80 -12.26
CA HIS A 137 -18.78 -4.57 -12.72
C HIS A 137 -17.65 -3.70 -13.23
N ARG A 138 -17.91 -2.42 -13.51
CA ARG A 138 -16.86 -1.47 -13.82
C ARG A 138 -16.13 -0.96 -12.58
N LEU A 139 -16.52 -1.43 -11.40
CA LEU A 139 -15.75 -1.26 -10.18
C LEU A 139 -14.88 -2.47 -9.91
N LEU A 140 -14.41 -3.13 -10.96
CA LEU A 140 -13.49 -4.23 -10.83
C LEU A 140 -12.13 -3.91 -11.46
N LEU A 141 -12.11 -3.48 -12.70
CA LEU A 141 -10.86 -3.11 -13.34
C LEU A 141 -10.34 -1.81 -12.75
N ASN A 142 -9.02 -1.66 -12.73
CA ASN A 142 -8.37 -0.62 -11.94
C ASN A 142 -8.59 0.76 -12.51
N GLY A 143 -8.97 1.68 -11.64
CA GLY A 143 -9.36 3.01 -12.02
C GLY A 143 -8.20 3.97 -12.01
N ASP A 144 -8.47 5.18 -11.52
CA ASP A 144 -7.46 6.22 -11.46
C ASP A 144 -6.44 5.86 -10.39
N HIS A 145 -5.21 6.35 -10.57
CA HIS A 145 -4.07 5.91 -9.78
C HIS A 145 -3.99 6.56 -8.41
N GLN A 146 -4.90 7.47 -8.07
CA GLN A 146 -4.92 8.07 -6.75
C GLN A 146 -6.33 8.11 -6.18
N GLY A 147 -7.08 7.00 -6.28
CA GLY A 147 -8.42 6.94 -5.73
C GLY A 147 -9.45 7.65 -6.58
N GLU A 148 -10.69 7.15 -6.57
CA GLU A 148 -11.69 7.74 -7.43
C GLU A 148 -12.13 9.08 -6.88
N ALA A 149 -12.47 10.01 -7.79
CA ALA A 149 -12.79 11.39 -7.44
C ALA A 149 -14.04 11.53 -6.58
N SER A 150 -14.86 10.49 -6.48
CA SER A 150 -15.95 10.47 -5.52
C SER A 150 -15.44 10.26 -4.09
N PHE A 151 -14.17 9.91 -3.93
CA PHE A 151 -13.57 9.80 -2.61
C PHE A 151 -12.80 11.03 -2.22
N ARG A 152 -12.34 11.82 -3.19
CA ARG A 152 -11.60 13.01 -2.88
C ARG A 152 -12.44 14.28 -2.93
N ARG A 153 -13.48 14.31 -3.77
CA ARG A 153 -14.40 15.44 -3.78
C ARG A 153 -15.27 15.49 -2.53
N GLU A 154 -15.29 14.42 -1.75
CA GLU A 154 -15.88 14.39 -0.42
C GLU A 154 -14.88 14.76 0.68
N ILE A 155 -13.61 14.36 0.56
CA ILE A 155 -12.59 14.78 1.53
C ILE A 155 -12.40 16.29 1.48
N ALA A 156 -12.42 16.88 0.29
CA ALA A 156 -12.29 18.33 0.19
C ALA A 156 -13.53 19.05 0.68
N TYR A 157 -14.68 18.36 0.69
CA TYR A 157 -15.92 18.90 1.24
C TYR A 157 -16.02 18.70 2.75
N TYR A 158 -15.32 17.72 3.30
CA TYR A 158 -15.32 17.40 4.72
C TYR A 158 -14.32 18.23 5.51
N LEU A 159 -13.09 18.34 5.01
CA LEU A 159 -12.08 19.12 5.71
C LEU A 159 -12.24 20.63 5.51
N HIS A 160 -13.17 21.08 4.69
CA HIS A 160 -13.53 22.48 4.70
C HIS A 160 -14.63 22.77 5.70
N HIS A 161 -15.22 21.74 6.29
CA HIS A 161 -16.33 21.92 7.22
C HIS A 161 -16.09 21.20 8.55
N SER A 162 -14.88 20.70 8.78
CA SER A 162 -14.59 20.21 10.12
C SER A 162 -13.22 20.59 10.67
N ARG A 163 -12.21 20.91 9.85
CA ARG A 163 -10.92 21.33 10.39
C ARG A 163 -10.41 22.61 9.76
N GLY A 164 -11.19 23.28 8.93
CA GLY A 164 -10.75 24.52 8.35
C GLY A 164 -9.70 24.38 7.26
N VAL A 165 -9.54 23.18 6.70
CA VAL A 165 -8.54 22.91 5.67
C VAL A 165 -9.08 23.34 4.32
N ASN A 166 -8.23 23.97 3.50
CA ASN A 166 -8.64 24.43 2.17
C ASN A 166 -7.91 23.62 1.11
N CYS A 167 -8.65 22.81 0.36
CA CYS A 167 -8.04 21.93 -0.63
C CYS A 167 -9.07 21.56 -1.70
N THR A 168 -8.56 21.12 -2.85
CA THR A 168 -9.32 20.76 -4.04
C THR A 168 -9.07 19.30 -4.40
N PRO A 169 -10.06 18.60 -4.97
CA PRO A 169 -9.91 17.17 -5.22
C PRO A 169 -9.06 16.81 -6.43
N GLU A 170 -8.31 17.73 -7.01
CA GLU A 170 -7.26 17.37 -7.95
C GLU A 170 -5.88 17.43 -7.32
N GLN A 171 -5.80 17.90 -6.08
CA GLN A 171 -4.52 18.04 -5.38
C GLN A 171 -4.36 17.09 -4.22
N VAL A 172 -5.45 16.69 -3.56
CA VAL A 172 -5.38 15.71 -2.50
C VAL A 172 -5.01 14.35 -3.09
N VAL A 173 -4.20 13.60 -2.35
CA VAL A 173 -3.67 12.31 -2.78
C VAL A 173 -4.06 11.29 -1.74
N VAL A 174 -4.55 10.14 -2.18
CA VAL A 174 -4.87 9.07 -1.24
C VAL A 174 -3.66 8.15 -1.19
N GLY A 175 -3.62 7.29 -0.19
CA GLY A 175 -2.52 6.35 -0.08
C GLY A 175 -2.94 5.31 0.91
N ALA A 176 -2.00 4.49 1.31
CA ALA A 176 -2.29 3.51 2.34
C ALA A 176 -1.17 3.54 3.36
N GLY A 177 -1.56 3.54 4.62
CA GLY A 177 -0.62 3.74 5.69
C GLY A 177 -0.09 5.17 5.71
N VAL A 178 0.94 5.35 6.51
CA VAL A 178 1.75 6.56 6.46
C VAL A 178 3.14 6.28 5.93
N GLU A 179 3.69 5.09 6.17
CA GLU A 179 5.03 4.78 5.71
C GLU A 179 5.09 4.69 4.19
N THR A 180 3.99 4.32 3.55
CA THR A 180 3.93 4.42 2.09
C THR A 180 3.45 5.80 1.66
N LEU A 181 2.87 6.56 2.58
CA LEU A 181 2.51 7.92 2.23
C LEU A 181 3.70 8.87 2.33
N LEU A 182 4.73 8.50 3.09
CA LEU A 182 5.90 9.33 3.28
C LEU A 182 7.05 8.98 2.37
N GLN A 183 7.20 7.73 1.96
CA GLN A 183 8.35 7.36 1.17
C GLN A 183 8.29 7.93 -0.24
N GLN A 184 7.08 8.14 -0.76
CA GLN A 184 6.98 8.81 -2.06
C GLN A 184 7.22 10.30 -1.96
N LEU A 185 7.32 10.83 -0.76
CA LEU A 185 7.57 12.24 -0.58
C LEU A 185 9.05 12.56 -0.48
N PHE A 186 9.84 11.66 0.10
CA PHE A 186 11.27 11.88 0.26
C PHE A 186 11.97 11.88 -1.09
N LEU A 187 11.57 10.98 -1.97
CA LEU A 187 12.08 10.99 -3.33
C LEU A 187 11.51 12.13 -4.15
N LEU A 188 10.31 12.61 -3.81
CA LEU A 188 9.75 13.76 -4.54
C LEU A 188 10.50 15.04 -4.18
N LEU A 189 10.97 15.15 -2.94
CA LEU A 189 11.67 16.36 -2.52
C LEU A 189 13.02 16.49 -3.21
N GLY A 190 13.90 15.53 -2.98
CA GLY A 190 15.28 15.59 -3.38
C GLY A 190 16.13 15.02 -2.27
N GLU A 191 17.44 15.10 -2.45
CA GLU A 191 18.36 14.59 -1.44
C GLU A 191 19.44 15.61 -1.11
N SER A 192 19.05 16.87 -0.94
CA SER A 192 19.90 17.92 -0.42
C SER A 192 19.29 18.57 0.81
N LYS A 193 18.49 17.83 1.57
CA LYS A 193 17.68 18.38 2.64
C LYS A 193 18.10 17.82 3.99
N VAL A 194 17.86 18.61 5.04
CA VAL A 194 18.20 18.25 6.41
C VAL A 194 16.94 18.42 7.24
N TYR A 195 16.49 17.33 7.87
CA TYR A 195 15.13 17.26 8.36
C TYR A 195 15.01 17.82 9.78
N GLY A 196 13.77 17.97 10.23
CA GLY A 196 13.49 18.46 11.58
C GLY A 196 12.46 17.65 12.33
N ILE A 197 12.89 17.00 13.39
CA ILE A 197 12.05 16.16 14.25
C ILE A 197 12.04 16.77 15.65
N GLU A 198 10.86 16.84 16.26
CA GLU A 198 10.76 17.31 17.64
C GLU A 198 11.16 16.21 18.61
N ASP A 199 11.61 16.62 19.79
CA ASP A 199 12.52 15.78 20.57
C ASP A 199 11.83 14.59 21.25
N PRO A 200 10.72 14.73 22.04
CA PRO A 200 9.81 13.58 22.13
C PRO A 200 8.70 13.70 21.10
N GLY A 201 8.46 12.65 20.32
CA GLY A 201 7.37 12.70 19.36
C GLY A 201 6.94 11.34 18.88
N TYR A 202 6.41 11.28 17.67
CA TYR A 202 6.17 10.00 17.03
C TYR A 202 7.46 9.51 16.40
N GLN A 203 7.79 8.24 16.63
CA GLN A 203 9.07 7.66 16.24
C GLN A 203 9.07 7.22 14.78
N LEU A 204 8.71 8.15 13.89
CA LEU A 204 8.45 7.79 12.51
C LEU A 204 9.39 8.44 11.53
N MET A 205 9.53 9.77 11.56
CA MET A 205 10.42 10.46 10.63
C MET A 205 11.88 10.09 10.87
N ARG A 206 12.22 9.70 12.10
CA ARG A 206 13.57 9.23 12.38
C ARG A 206 13.79 7.85 11.78
N LYS A 207 12.94 6.89 12.13
CA LYS A 207 13.16 5.49 11.78
C LYS A 207 13.07 5.22 10.29
N LEU A 208 12.46 6.12 9.51
CA LEU A 208 12.57 6.01 8.06
C LEU A 208 13.96 6.37 7.59
N LEU A 209 14.50 7.48 8.08
CA LEU A 209 15.67 8.10 7.49
C LEU A 209 16.97 7.42 7.89
N SER A 210 16.91 6.25 8.49
CA SER A 210 18.08 5.41 8.66
C SER A 210 18.48 4.68 7.37
N HIS A 211 17.69 4.81 6.31
CA HIS A 211 18.01 4.20 5.03
C HIS A 211 18.52 5.19 4.00
N TYR A 212 18.24 6.46 4.18
CA TYR A 212 18.51 7.44 3.14
C TYR A 212 19.71 8.27 3.59
N PRO A 213 20.42 8.95 2.67
CA PRO A 213 21.60 9.72 3.09
C PRO A 213 21.30 10.96 3.92
N ASN A 214 20.05 11.34 4.15
CA ASN A 214 19.78 12.59 4.84
C ASN A 214 20.06 12.48 6.34
N ASP A 215 19.94 13.62 7.01
CA ASP A 215 20.26 13.76 8.42
C ASP A 215 19.13 14.49 9.12
N TYR A 216 18.80 14.04 10.32
CA TYR A 216 17.72 14.63 11.12
C TYR A 216 18.32 15.37 12.32
N VAL A 217 17.75 16.52 12.63
CA VAL A 217 18.22 17.38 13.72
C VAL A 217 17.12 17.59 14.74
N PRO A 218 17.29 17.15 15.99
CA PRO A 218 16.23 17.34 16.99
C PRO A 218 16.08 18.78 17.42
N PHE A 219 14.96 19.07 18.07
CA PHE A 219 14.63 20.40 18.55
C PHE A 219 13.80 20.28 19.80
N GLN A 220 14.10 21.11 20.81
CA GLN A 220 13.51 20.94 22.13
C GLN A 220 12.06 21.42 22.17
N VAL A 221 11.31 20.86 23.12
CA VAL A 221 9.90 21.19 23.31
C VAL A 221 9.71 21.71 24.74
N ASP A 222 8.54 22.27 25.00
CA ASP A 222 8.13 22.63 26.36
C ASP A 222 6.60 22.56 26.43
N GLU A 223 6.03 23.01 27.55
CA GLU A 223 4.59 22.92 27.73
C GLU A 223 3.83 24.03 27.00
N GLU A 224 4.53 24.94 26.33
CA GLU A 224 3.87 25.88 25.45
C GLU A 224 3.91 25.44 24.01
N GLY A 225 4.95 24.70 23.62
CA GLY A 225 5.07 24.20 22.26
C GLY A 225 6.41 23.53 22.02
N ILE A 226 6.94 23.75 20.83
CA ILE A 226 8.31 23.39 20.52
C ILE A 226 9.10 24.67 20.33
N ASP A 227 10.43 24.53 20.26
CA ASP A 227 11.27 25.70 20.06
C ASP A 227 11.14 26.23 18.65
N VAL A 228 11.20 27.54 18.50
CA VAL A 228 11.26 28.17 17.20
C VAL A 228 12.58 28.90 16.98
N ASP A 229 13.27 29.33 18.04
CA ASP A 229 14.51 30.08 17.88
C ASP A 229 15.63 29.20 17.34
N SER A 230 15.65 27.92 17.70
CA SER A 230 16.63 27.03 17.11
C SER A 230 16.26 26.63 15.69
N ILE A 231 14.98 26.70 15.33
CA ILE A 231 14.58 26.58 13.93
C ILE A 231 15.13 27.77 13.14
N VAL A 232 15.17 28.94 13.76
CA VAL A 232 15.81 30.09 13.11
C VAL A 232 17.31 29.87 12.97
N ARG A 233 18.02 29.58 14.07
CA ARG A 233 19.47 29.66 14.07
C ARG A 233 20.16 28.39 13.57
N THR A 234 19.48 27.55 12.81
CA THR A 234 20.13 26.46 12.08
C THR A 234 19.69 26.58 10.61
N ALA A 235 19.99 25.58 9.79
CA ALA A 235 19.68 25.61 8.37
C ALA A 235 18.70 24.50 7.96
N VAL A 236 17.67 24.26 8.77
CA VAL A 236 16.77 23.13 8.52
C VAL A 236 15.82 23.46 7.38
N ASP A 237 15.29 22.40 6.76
CA ASP A 237 14.55 22.54 5.51
C ASP A 237 13.20 21.85 5.54
N VAL A 238 13.04 20.78 6.30
CA VAL A 238 11.75 20.15 6.50
C VAL A 238 11.60 19.84 7.99
N VAL A 239 10.54 20.36 8.60
CA VAL A 239 10.27 20.18 10.03
C VAL A 239 8.87 19.61 10.23
N TYR A 240 8.70 18.87 11.32
CA TYR A 240 7.56 17.97 11.50
C TYR A 240 6.92 18.18 12.87
N THR A 241 5.85 18.96 12.93
CA THR A 241 5.15 19.26 14.17
C THR A 241 3.72 18.74 14.09
N THR A 242 3.10 18.57 15.25
CA THR A 242 1.69 18.20 15.34
C THR A 242 0.93 19.36 16.00
N PRO A 243 0.50 20.35 15.23
CA PRO A 243 -0.07 21.57 15.83
C PRO A 243 -1.43 21.42 16.46
N SER A 244 -2.12 20.29 16.31
CA SER A 244 -3.39 20.16 17.01
C SER A 244 -3.18 19.65 18.42
N ARG A 245 -2.21 18.77 18.60
CA ARG A 245 -2.01 18.07 19.86
C ARG A 245 -0.63 17.46 19.87
N HIS A 246 0.19 17.75 20.87
CA HIS A 246 1.57 17.29 20.84
C HIS A 246 1.69 15.94 21.53
N PHE A 247 2.07 14.95 20.75
CA PHE A 247 2.33 13.62 21.29
C PHE A 247 3.57 13.67 22.16
N PRO A 248 3.58 12.97 23.31
CA PRO A 248 2.46 12.35 24.00
C PRO A 248 2.02 13.14 25.23
N TYR A 249 2.63 14.30 25.47
CA TYR A 249 2.25 15.12 26.62
C TYR A 249 0.85 15.68 26.46
N GLY A 250 0.60 16.37 25.37
CA GLY A 250 -0.71 16.93 25.11
C GLY A 250 -0.65 18.43 24.92
N SER A 251 0.55 18.95 24.71
CA SER A 251 0.74 20.39 24.55
C SER A 251 0.10 20.86 23.26
N VAL A 252 -0.29 22.13 23.24
CA VAL A 252 -0.87 22.75 22.07
C VAL A 252 -0.04 23.96 21.73
N LEU A 253 0.34 24.09 20.46
CA LEU A 253 0.98 25.31 20.00
C LEU A 253 -0.02 26.46 20.04
N SER A 254 0.46 27.62 20.46
CA SER A 254 -0.37 28.82 20.57
C SER A 254 -0.51 29.52 19.23
N ILE A 255 -0.97 30.77 19.26
CA ILE A 255 -0.85 31.63 18.10
C ILE A 255 0.47 32.38 18.10
N ASN A 256 1.12 32.54 19.26
CA ASN A 256 2.35 33.31 19.35
C ASN A 256 3.50 32.64 18.61
N ARG A 257 3.52 31.31 18.57
CA ARG A 257 4.57 30.59 17.88
C ARG A 257 4.27 30.34 16.42
N ARG A 258 2.99 30.25 16.06
CA ARG A 258 2.61 29.90 14.70
C ARG A 258 2.97 30.98 13.69
N LYS A 259 2.82 32.25 14.04
CA LYS A 259 3.20 33.31 13.12
C LYS A 259 4.70 33.36 12.89
N GLN A 260 5.49 33.12 13.94
CA GLN A 260 6.94 33.05 13.83
C GLN A 260 7.38 31.87 12.97
N LEU A 261 6.79 30.70 13.18
CA LEU A 261 7.18 29.51 12.41
C LEU A 261 6.74 29.61 10.96
N LEU A 262 5.55 30.15 10.70
CA LEU A 262 5.13 30.32 9.32
C LEU A 262 5.91 31.43 8.64
N HIS A 263 6.36 32.43 9.39
CA HIS A 263 7.13 33.48 8.76
C HIS A 263 8.60 33.11 8.61
N TRP A 264 9.02 32.03 9.27
CA TRP A 264 10.38 31.53 9.06
C TRP A 264 10.56 31.00 7.65
N ALA A 265 9.53 30.36 7.10
CA ALA A 265 9.65 29.74 5.79
C ALA A 265 9.39 30.69 4.65
N GLU A 266 8.79 31.85 4.89
CA GLU A 266 8.43 32.72 3.78
C GLU A 266 9.63 33.51 3.26
N ALA A 267 10.64 33.75 4.10
CA ALA A 267 11.73 34.63 3.71
C ALA A 267 12.70 33.95 2.73
N HIS A 268 12.90 32.64 2.85
CA HIS A 268 13.69 31.87 1.90
C HIS A 268 12.84 30.73 1.38
N GLU A 269 12.81 30.56 0.06
CA GLU A 269 11.74 29.86 -0.63
C GLU A 269 12.01 28.37 -0.83
N ASN A 270 12.78 27.73 0.04
CA ASN A 270 13.05 26.31 -0.16
C ASN A 270 13.00 25.53 1.14
N ARG A 271 11.99 25.75 1.96
CA ARG A 271 11.82 24.98 3.18
C ARG A 271 10.38 24.54 3.29
N TYR A 272 10.13 23.50 4.10
CA TYR A 272 8.79 22.93 4.21
C TYR A 272 8.50 22.55 5.65
N ILE A 273 7.22 22.27 5.92
CA ILE A 273 6.72 22.00 7.26
C ILE A 273 5.53 21.04 7.15
N ILE A 274 5.58 19.95 7.92
CA ILE A 274 4.64 18.85 7.77
C ILE A 274 3.78 18.77 9.03
N GLU A 275 2.46 18.89 8.86
CA GLU A 275 1.53 18.74 9.96
C GLU A 275 1.00 17.31 10.02
N ASP A 276 1.11 16.69 11.18
CA ASP A 276 0.51 15.39 11.45
C ASP A 276 -0.67 15.58 12.37
N ASP A 277 -1.84 15.08 11.98
CA ASP A 277 -3.05 15.31 12.76
C ASP A 277 -3.04 14.55 14.07
N TYR A 278 -3.11 13.23 13.94
CA TYR A 278 -3.11 12.16 14.93
C TYR A 278 -4.39 12.08 15.75
N ASP A 279 -5.07 13.21 15.96
CA ASP A 279 -6.33 13.26 16.69
C ASP A 279 -6.98 14.63 16.60
N SER A 280 -8.22 14.64 16.17
CA SER A 280 -9.05 15.84 16.24
C SER A 280 -10.49 15.39 16.33
N GLU A 281 -11.34 16.33 16.75
CA GLU A 281 -12.72 16.06 17.15
C GLU A 281 -12.82 14.98 18.21
N PHE A 282 -11.80 14.88 19.07
CA PHE A 282 -11.76 14.00 20.22
C PHE A 282 -11.36 14.79 21.46
N ARG A 283 -11.69 16.07 21.47
CA ARG A 283 -11.24 17.03 22.48
C ARG A 283 -12.22 17.16 23.64
N TYR A 284 -13.50 16.85 23.41
CA TYR A 284 -14.63 16.80 24.33
C TYR A 284 -15.18 18.17 24.72
N THR A 285 -14.54 19.25 24.31
CA THR A 285 -15.15 20.58 24.44
C THR A 285 -15.43 21.24 23.10
N GLY A 286 -14.86 20.71 22.02
CA GLY A 286 -15.08 21.29 20.71
C GLY A 286 -13.87 21.06 19.85
N LYS A 287 -13.90 21.57 18.62
CA LYS A 287 -12.72 21.56 17.76
C LYS A 287 -11.72 22.55 18.33
N THR A 288 -10.44 22.20 18.28
CA THR A 288 -9.42 22.92 19.05
C THR A 288 -9.26 24.37 18.64
N ILE A 289 -8.67 24.59 17.47
CA ILE A 289 -8.52 25.88 16.81
C ILE A 289 -8.65 25.45 15.36
N PRO A 290 -8.89 26.35 14.41
CA PRO A 290 -8.49 26.07 13.03
C PRO A 290 -7.03 25.65 12.94
N SER A 291 -6.76 24.62 12.15
CA SER A 291 -5.44 24.02 12.09
C SER A 291 -4.47 24.87 11.29
N LEU A 292 -3.20 24.45 11.28
CA LEU A 292 -2.13 25.22 10.65
C LEU A 292 -2.23 25.22 9.14
N GLN A 293 -3.04 24.34 8.55
CA GLN A 293 -3.33 24.45 7.13
C GLN A 293 -4.16 25.69 6.82
N SER A 294 -4.94 26.18 7.79
CA SER A 294 -5.84 27.29 7.50
C SER A 294 -5.09 28.60 7.40
N MET A 295 -4.04 28.79 8.18
CA MET A 295 -3.39 30.10 8.24
C MET A 295 -2.41 30.34 7.10
N ASP A 296 -2.15 29.35 6.25
CA ASP A 296 -1.19 29.53 5.17
C ASP A 296 -1.84 30.21 3.98
N VAL A 297 -1.09 31.11 3.34
CA VAL A 297 -1.55 31.78 2.13
C VAL A 297 -0.45 31.72 1.08
N HIS A 298 0.75 31.28 1.48
CA HIS A 298 1.87 31.17 0.55
C HIS A 298 2.20 29.74 0.17
N ASN A 299 1.36 28.76 0.55
CA ASN A 299 1.46 27.35 0.14
C ASN A 299 2.76 26.70 0.62
N LYS A 300 3.03 26.80 1.92
CA LYS A 300 4.30 26.31 2.46
C LYS A 300 4.18 25.12 3.39
N VAL A 301 2.97 24.75 3.80
CA VAL A 301 2.75 23.65 4.72
C VAL A 301 1.98 22.57 3.98
N ILE A 302 2.37 21.31 4.19
CA ILE A 302 1.60 20.19 3.65
C ILE A 302 0.84 19.53 4.79
N TYR A 303 -0.33 19.01 4.47
CA TYR A 303 -1.11 18.26 5.43
C TYR A 303 -0.59 16.83 5.50
N LEU A 304 -1.04 16.09 6.51
CA LEU A 304 -0.87 14.64 6.51
C LEU A 304 -1.95 14.08 7.43
N GLY A 305 -3.02 13.56 6.84
CA GLY A 305 -4.18 13.11 7.57
C GLY A 305 -4.15 11.64 7.93
N ALA A 306 -5.31 11.10 8.28
CA ALA A 306 -5.46 9.74 8.76
C ALA A 306 -6.94 9.39 8.78
N PHE A 307 -7.21 8.09 8.78
CA PHE A 307 -8.53 7.49 8.90
C PHE A 307 -8.44 6.28 9.79
N SER A 308 -7.56 6.31 10.78
CA SER A 308 -7.24 5.07 11.47
C SER A 308 -7.20 5.14 12.99
N1 LLP A 309 -0.02 10.16 13.12
C2 LLP A 309 0.33 9.71 14.33
C2' LLP A 309 1.30 10.54 15.21
C3 LLP A 309 -0.18 8.49 14.82
O3 LLP A 309 0.20 8.05 16.09
C4 LLP A 309 -1.04 7.74 14.06
C4' LLP A 309 -1.62 6.34 14.61
C5 LLP A 309 -1.40 8.19 12.83
C6 LLP A 309 -0.89 9.40 12.34
C5' LLP A 309 -2.37 7.35 11.95
OP4 LLP A 309 -1.60 6.65 11.00
P LLP A 309 -1.66 5.11 10.94
OP1 LLP A 309 -0.27 4.54 11.25
OP2 LLP A 309 -2.09 4.69 9.60
OP3 LLP A 309 -2.63 4.62 11.95
N LLP A 309 -7.64 6.25 13.56
CA LLP A 309 -7.84 6.30 15.01
CB LLP A 309 -6.91 7.28 15.70
CG LLP A 309 -5.96 6.53 16.63
CD LLP A 309 -4.88 5.86 15.77
CE LLP A 309 -3.85 6.91 15.29
NZ LLP A 309 -2.49 6.55 15.73
C LLP A 309 -9.25 6.69 15.18
O LLP A 309 -9.87 6.41 16.18
N SER A 310 -9.75 7.38 14.17
CA SER A 310 -11.12 7.86 14.17
C SER A 310 -12.13 6.75 13.98
N LEU A 311 -11.93 5.90 12.97
CA LEU A 311 -12.94 4.94 12.55
C LEU A 311 -12.51 3.50 12.77
N ILE A 312 -11.48 3.01 12.09
CA ILE A 312 -10.97 1.65 12.23
C ILE A 312 -9.46 1.69 11.96
N PRO A 313 -8.62 1.06 12.79
CA PRO A 313 -7.19 1.08 12.48
C PRO A 313 -6.82 0.24 11.28
N SER A 314 -7.46 -0.93 11.10
CA SER A 314 -7.00 -1.91 10.13
C SER A 314 -7.77 -1.89 8.81
N VAL A 315 -8.17 -0.71 8.35
CA VAL A 315 -8.67 -0.59 6.99
C VAL A 315 -7.60 -0.02 6.07
N ARG A 316 -6.55 0.60 6.63
CA ARG A 316 -5.35 1.05 5.92
C ARG A 316 -5.68 2.05 4.80
N ILE A 317 -6.47 3.05 5.13
CA ILE A 317 -6.63 4.23 4.30
C ILE A 317 -6.02 5.39 5.05
N SER A 318 -5.44 6.32 4.30
CA SER A 318 -4.93 7.58 4.82
C SER A 318 -4.91 8.55 3.66
N TYR A 319 -4.43 9.76 3.91
CA TYR A 319 -4.49 10.81 2.92
C TYR A 319 -3.52 11.90 3.32
N MET A 320 -2.88 12.52 2.34
CA MET A 320 -2.25 13.81 2.57
C MET A 320 -2.90 14.80 1.64
N VAL A 321 -2.55 16.07 1.80
CA VAL A 321 -3.03 17.14 0.94
C VAL A 321 -1.82 17.94 0.48
N LEU A 322 -1.64 18.02 -0.80
CA LEU A 322 -0.47 18.71 -1.31
C LEU A 322 -0.79 20.17 -1.61
N PRO A 323 0.21 21.04 -1.64
CA PRO A 323 -0.02 22.44 -2.04
C PRO A 323 -0.01 22.59 -3.56
N ALA A 324 -0.07 23.85 -4.00
CA ALA A 324 -0.29 24.11 -5.43
C ALA A 324 0.92 23.78 -6.31
N PRO A 325 2.13 24.33 -6.12
CA PRO A 325 3.20 24.00 -7.07
C PRO A 325 3.94 22.72 -6.74
N LEU A 326 3.42 21.88 -5.87
CA LEU A 326 3.98 20.56 -5.64
C LEU A 326 3.03 19.46 -6.07
N ALA A 327 1.72 19.75 -6.18
CA ALA A 327 0.77 18.77 -6.68
C ALA A 327 1.04 18.41 -8.12
N HIS A 328 1.27 19.42 -8.96
CA HIS A 328 1.64 19.18 -10.34
C HIS A 328 3.11 18.92 -10.52
N LEU A 329 3.82 18.61 -9.44
CA LEU A 329 5.09 17.91 -9.53
C LEU A 329 4.94 16.45 -9.18
N TYR A 330 4.14 16.14 -8.17
CA TYR A 330 3.89 14.74 -7.82
C TYR A 330 3.12 14.03 -8.92
N LYS A 331 2.12 14.70 -9.49
CA LYS A 331 1.34 14.11 -10.57
C LYS A 331 2.17 13.96 -11.84
N ASN A 332 3.19 14.80 -12.01
CA ASN A 332 4.06 14.69 -13.16
C ASN A 332 5.08 13.57 -12.96
N LYS A 333 5.60 13.41 -11.76
CA LYS A 333 6.67 12.45 -11.53
C LYS A 333 6.16 11.05 -11.25
N PHE A 334 4.92 10.89 -10.82
CA PHE A 334 4.42 9.57 -10.46
C PHE A 334 3.13 9.25 -11.19
N SER A 335 3.04 9.62 -12.46
CA SER A 335 1.88 9.31 -13.28
C SER A 335 1.90 7.88 -13.82
N TYR A 336 2.88 7.07 -13.43
CA TYR A 336 3.00 5.70 -13.91
C TYR A 336 2.87 4.69 -12.79
N TYR A 337 2.32 5.11 -11.67
CA TYR A 337 2.07 4.27 -10.52
C TYR A 337 0.66 3.67 -10.53
N HIS A 338 0.25 3.15 -9.38
CA HIS A 338 -1.05 2.53 -9.17
C HIS A 338 -1.57 3.00 -7.83
N SER A 339 -2.88 2.92 -7.63
CA SER A 339 -3.38 3.19 -6.30
C SER A 339 -3.15 1.99 -5.41
N THR A 340 -3.29 2.20 -4.09
CA THR A 340 -2.87 1.19 -3.14
C THR A 340 -3.99 0.72 -2.22
N VAL A 341 -5.11 1.42 -2.18
CA VAL A 341 -6.27 1.04 -1.37
C VAL A 341 -7.27 0.32 -2.29
N SER A 342 -7.84 -0.78 -1.80
CA SER A 342 -8.73 -1.59 -2.63
C SER A 342 -10.00 -0.83 -2.94
N ARG A 343 -10.35 -0.75 -4.24
CA ARG A 343 -11.44 0.10 -4.72
C ARG A 343 -12.82 -0.35 -4.25
N ILE A 344 -12.96 -1.58 -3.77
CA ILE A 344 -14.20 -1.97 -3.08
C ILE A 344 -14.24 -1.48 -1.65
N ASP A 345 -13.12 -0.99 -1.11
CA ASP A 345 -13.06 -0.35 0.19
C ASP A 345 -12.92 1.15 0.09
N GLN A 346 -13.33 1.73 -1.04
CA GLN A 346 -13.34 3.16 -1.27
C GLN A 346 -14.72 3.66 -1.61
N GLN A 347 -15.46 2.91 -2.42
CA GLN A 347 -16.85 3.29 -2.61
C GLN A 347 -17.73 2.86 -1.45
N VAL A 348 -17.19 2.10 -0.49
CA VAL A 348 -17.84 2.00 0.81
C VAL A 348 -17.85 3.36 1.50
N LEU A 349 -16.71 4.04 1.51
CA LEU A 349 -16.57 5.32 2.19
C LEU A 349 -16.72 6.49 1.26
N THR A 350 -17.34 6.28 0.11
CA THR A 350 -17.93 7.43 -0.59
C THR A 350 -19.38 7.68 -0.17
N ALA A 351 -20.23 6.65 -0.20
CA ALA A 351 -21.61 6.84 0.25
C ALA A 351 -21.70 7.00 1.77
N PHE A 352 -20.72 6.48 2.50
CA PHE A 352 -20.64 6.60 3.95
C PHE A 352 -20.48 8.03 4.40
N MET A 353 -19.97 8.89 3.53
CA MET A 353 -19.81 10.31 3.82
C MET A 353 -20.43 11.18 2.73
N LYS A 354 -21.29 10.60 1.90
CA LYS A 354 -22.24 11.41 1.18
C LYS A 354 -23.59 11.42 1.89
N GLN A 355 -24.01 10.26 2.41
CA GLN A 355 -25.28 10.14 3.11
C GLN A 355 -25.17 10.19 4.63
N GLY A 356 -24.01 10.57 5.17
CA GLY A 356 -23.93 11.01 6.55
C GLY A 356 -24.05 9.95 7.62
N ASP A 357 -23.06 9.09 7.78
CA ASP A 357 -23.03 8.16 8.90
C ASP A 357 -21.65 7.98 9.49
N PHE A 358 -20.77 8.97 9.26
CA PHE A 358 -19.49 9.14 9.93
C PHE A 358 -19.56 10.27 10.94
N GLU A 359 -20.33 11.29 10.59
CA GLU A 359 -20.63 12.47 11.39
C GLU A 359 -21.65 12.18 12.47
N LYS A 360 -22.13 10.94 12.57
CA LYS A 360 -22.82 10.42 13.73
C LYS A 360 -22.11 9.22 14.32
N HIS A 361 -20.96 8.83 13.77
CA HIS A 361 -20.15 7.85 14.46
C HIS A 361 -19.12 8.49 15.37
N LEU A 362 -18.49 9.58 14.93
CA LEU A 362 -17.47 10.16 15.81
C LEU A 362 -18.09 10.94 16.96
N ASN A 363 -19.24 11.59 16.74
CA ASN A 363 -19.97 12.22 17.83
C ASN A 363 -20.45 11.19 18.84
N ARG A 364 -20.85 10.01 18.35
CA ARG A 364 -21.22 8.93 19.26
C ARG A 364 -19.99 8.42 19.99
N MET A 365 -18.85 8.38 19.33
CA MET A 365 -17.65 7.84 19.94
C MET A 365 -17.07 8.76 21.00
N ARG A 366 -17.36 10.06 20.92
CA ARG A 366 -16.80 11.04 21.86
C ARG A 366 -17.17 10.70 23.31
N LYS A 367 -18.46 10.50 23.57
CA LYS A 367 -18.93 10.23 24.92
C LYS A 367 -18.46 8.89 25.45
N ILE A 368 -18.19 7.92 24.58
CA ILE A 368 -17.76 6.61 25.03
C ILE A 368 -16.32 6.66 25.56
N TYR A 369 -15.54 7.66 25.13
CA TYR A 369 -14.23 7.88 25.71
C TYR A 369 -14.26 8.86 26.87
N ARG A 370 -15.16 9.84 26.83
CA ARG A 370 -15.29 10.78 27.94
C ARG A 370 -15.77 10.08 29.20
N ARG A 371 -16.72 9.15 29.05
CA ARG A 371 -17.20 8.34 30.15
C ARG A 371 -16.14 7.39 30.68
N LYS A 372 -15.11 7.11 29.89
CA LYS A 372 -13.95 6.39 30.42
C LYS A 372 -12.96 7.33 31.08
N LEU A 373 -12.84 8.56 30.59
CA LEU A 373 -11.89 9.52 31.15
C LEU A 373 -12.30 9.94 32.56
N GLU A 374 -13.59 10.15 32.77
CA GLU A 374 -14.03 10.54 34.10
C GLU A 374 -13.88 9.40 35.10
N LYS A 375 -14.15 8.16 34.69
CA LYS A 375 -14.00 7.02 35.57
C LYS A 375 -12.56 6.55 35.71
N VAL A 376 -11.63 7.04 34.88
CA VAL A 376 -10.24 6.75 35.17
C VAL A 376 -9.62 7.85 36.02
N LEU A 377 -10.10 9.09 35.92
CA LEU A 377 -9.55 10.11 36.81
C LEU A 377 -10.16 10.09 38.20
N SER A 378 -11.41 9.63 38.34
CA SER A 378 -11.99 9.42 39.66
C SER A 378 -11.39 8.23 40.40
N LEU A 379 -10.56 7.43 39.74
CA LEU A 379 -9.80 6.41 40.44
C LEU A 379 -8.37 6.82 40.73
N LEU A 380 -7.85 7.83 40.04
CA LEU A 380 -6.50 8.28 40.26
C LEU A 380 -6.39 9.50 41.15
N LYS A 381 -7.49 10.21 41.37
CA LYS A 381 -7.42 11.35 42.29
C LYS A 381 -7.56 10.93 43.75
N ARG A 382 -7.55 9.63 44.06
CA ARG A 382 -7.42 9.22 45.45
C ARG A 382 -5.95 9.09 45.86
N TYR A 383 -5.12 8.55 44.98
CA TYR A 383 -3.70 8.36 45.27
C TYR A 383 -2.86 9.52 44.76
N GLU A 384 -3.20 10.76 45.12
CA GLU A 384 -2.51 11.93 44.58
C GLU A 384 -1.22 12.26 45.33
N ASP A 385 -0.73 11.35 46.17
CA ASP A 385 0.55 11.55 46.82
C ASP A 385 1.70 11.45 45.82
N LYS A 386 1.66 10.49 44.90
CA LYS A 386 2.74 10.28 43.96
C LYS A 386 2.30 10.36 42.49
N LEU A 387 1.18 9.74 42.14
CA LEU A 387 0.82 9.49 40.75
C LEU A 387 0.27 10.77 40.11
N LEU A 388 1.18 11.70 39.83
CA LEU A 388 0.77 12.97 39.27
C LEU A 388 0.41 12.81 37.79
N ILE A 389 -0.41 13.72 37.28
CA ILE A 389 -0.80 13.76 35.88
C ILE A 389 -0.21 15.01 35.25
N ILE A 390 0.62 14.83 34.22
CA ILE A 390 1.11 15.91 33.40
C ILE A 390 0.39 15.83 32.07
N GLY A 391 0.02 16.98 31.53
CA GLY A 391 -0.74 17.01 30.29
C GLY A 391 -2.24 17.12 30.53
N GLU A 392 -2.95 17.57 29.51
CA GLU A 392 -4.33 17.98 29.65
C GLU A 392 -5.26 16.77 29.71
N ARG A 393 -6.55 17.04 29.88
CA ARG A 393 -7.57 16.00 30.01
C ARG A 393 -8.26 15.76 28.66
N SER A 394 -7.49 15.26 27.71
CA SER A 394 -8.00 15.08 26.36
C SER A 394 -7.26 13.95 25.67
N GLY A 395 -7.77 13.56 24.51
CA GLY A 395 -7.16 12.50 23.74
C GLY A 395 -7.59 11.13 24.23
N LEU A 396 -6.74 10.15 23.99
CA LEU A 396 -7.03 8.77 24.33
C LEU A 396 -6.12 8.20 25.40
N HIS A 397 -5.19 8.98 25.93
CA HIS A 397 -4.18 8.43 26.81
C HIS A 397 -3.71 9.48 27.80
N ILE A 398 -3.28 9.01 28.97
CA ILE A 398 -2.79 9.86 30.04
C ILE A 398 -1.32 9.52 30.27
N VAL A 399 -0.61 10.46 30.88
CA VAL A 399 0.82 10.32 31.14
C VAL A 399 1.00 10.40 32.65
N LEU A 400 0.97 9.26 33.33
CA LEU A 400 1.20 9.29 34.76
C LEU A 400 2.70 9.30 35.03
N VAL A 401 3.13 10.20 35.90
CA VAL A 401 4.51 10.27 36.36
C VAL A 401 4.56 9.71 37.77
N VAL A 402 5.41 8.73 38.00
CA VAL A 402 5.47 8.04 39.27
C VAL A 402 6.65 8.59 40.06
N LYS A 403 6.36 9.34 41.12
CA LYS A 403 7.42 9.83 41.98
C LYS A 403 7.92 8.79 42.97
N ASN A 404 7.24 7.63 43.07
CA ASN A 404 7.76 6.52 43.85
C ASN A 404 9.05 6.03 43.22
N GLY A 405 10.10 5.93 44.03
CA GLY A 405 11.47 5.90 43.55
C GLY A 405 11.97 4.68 42.83
N MET A 406 11.10 3.84 42.31
CA MET A 406 11.57 2.67 41.57
C MET A 406 11.98 3.06 40.16
N ASP A 407 12.77 2.18 39.54
CA ASP A 407 13.33 2.38 38.21
C ASP A 407 12.41 1.87 37.11
N GLU A 408 12.57 2.45 35.92
CA GLU A 408 11.61 2.28 34.84
C GLU A 408 11.60 0.85 34.30
N GLN A 409 12.77 0.27 34.12
CA GLN A 409 12.87 -1.10 33.62
C GLN A 409 12.38 -2.13 34.65
N THR A 410 12.23 -1.73 35.91
CA THR A 410 11.48 -2.55 36.84
C THR A 410 10.00 -2.20 36.84
N LEU A 411 9.66 -0.94 36.58
CA LEU A 411 8.27 -0.52 36.66
C LEU A 411 7.43 -1.10 35.52
N VAL A 412 8.00 -1.22 34.33
CA VAL A 412 7.26 -1.85 33.24
C VAL A 412 7.22 -3.36 33.43
N GLU A 413 8.35 -3.97 33.77
CA GLU A 413 8.42 -5.42 33.89
C GLU A 413 7.72 -5.96 35.12
N LYS A 414 7.33 -5.10 36.05
CA LYS A 414 6.55 -5.56 37.19
C LYS A 414 5.12 -5.89 36.79
N ALA A 415 4.56 -5.17 35.81
CA ALA A 415 3.17 -5.35 35.42
C ALA A 415 2.94 -6.62 34.62
N LEU A 416 3.97 -7.14 33.96
CA LEU A 416 3.83 -8.30 33.08
C LEU A 416 3.58 -9.60 33.82
N ALA A 417 3.69 -9.62 35.14
CA ALA A 417 3.50 -10.87 35.88
C ALA A 417 2.04 -11.29 35.94
N ALA A 418 1.12 -10.31 35.92
CA ALA A 418 -0.31 -10.59 36.01
C ALA A 418 -1.03 -10.34 34.70
N LYS A 419 -0.33 -10.56 33.58
CA LYS A 419 -0.85 -10.41 32.21
C LYS A 419 -1.35 -8.98 31.97
N ALA A 420 -0.43 -8.02 32.10
CA ALA A 420 -0.77 -6.63 31.85
C ALA A 420 0.47 -5.92 31.34
N LYS A 421 0.32 -5.16 30.26
CA LYS A 421 1.44 -4.42 29.69
C LYS A 421 1.09 -2.94 29.60
N VAL A 422 2.06 -2.10 29.98
CA VAL A 422 1.98 -0.66 29.84
C VAL A 422 3.04 -0.26 28.83
N TYR A 423 3.15 1.03 28.54
CA TYR A 423 4.10 1.48 27.52
C TYR A 423 4.97 2.59 28.06
N PRO A 424 6.29 2.40 28.15
CA PRO A 424 7.15 3.37 28.81
C PRO A 424 7.57 4.53 27.90
N LEU A 425 8.28 5.48 28.50
CA LEU A 425 8.75 6.68 27.83
C LEU A 425 10.27 6.72 27.76
N SER A 426 10.87 5.59 27.42
CA SER A 426 12.28 5.58 27.06
C SER A 426 12.48 5.59 25.56
N ALA A 427 11.61 4.89 24.83
CA ALA A 427 11.74 4.74 23.39
C ALA A 427 11.23 5.94 22.60
N TYR A 428 10.54 6.86 23.26
CA TYR A 428 9.94 7.99 22.57
C TYR A 428 10.84 9.21 22.56
N SER A 429 11.97 9.16 23.25
CA SER A 429 12.87 10.30 23.35
C SER A 429 14.29 9.84 23.09
N LEU A 430 15.07 10.69 22.41
CA LEU A 430 16.45 10.35 22.09
C LEU A 430 17.33 10.37 23.32
N GLU A 431 17.35 11.51 24.01
CA GLU A 431 18.08 11.63 25.26
C GLU A 431 17.34 10.89 26.36
N ARG A 432 17.93 10.83 27.54
CA ARG A 432 17.32 10.13 28.65
C ARG A 432 16.62 11.12 29.56
N ALA A 433 15.42 10.77 29.98
CA ALA A 433 14.50 11.69 30.65
C ALA A 433 14.91 11.89 32.11
N ILE A 434 14.01 12.49 32.88
CA ILE A 434 14.27 12.90 34.24
C ILE A 434 14.34 11.68 35.16
N HIS A 435 14.78 11.90 36.40
CA HIS A 435 14.78 10.83 37.38
C HIS A 435 13.38 10.27 37.71
N PRO A 436 12.29 11.05 37.82
CA PRO A 436 10.98 10.41 37.94
C PRO A 436 10.59 9.72 36.64
N PRO A 437 10.41 8.42 36.68
CA PRO A 437 10.23 7.66 35.43
C PRO A 437 8.79 7.76 34.94
N GLN A 438 8.59 8.47 33.84
CA GLN A 438 7.27 8.59 33.26
C GLN A 438 6.87 7.30 32.57
N ILE A 439 5.57 7.01 32.58
CA ILE A 439 4.99 5.80 32.01
C ILE A 439 3.67 6.16 31.35
N VAL A 440 3.49 5.77 30.10
CA VAL A 440 2.30 6.14 29.34
C VAL A 440 1.28 5.03 29.45
N LEU A 441 0.11 5.34 30.00
CA LEU A 441 -1.07 4.50 29.96
C LEU A 441 -1.93 4.93 28.78
N GLY A 442 -2.80 4.01 28.35
CA GLY A 442 -3.82 4.34 27.39
C GLY A 442 -5.16 3.84 27.89
N PHE A 443 -6.22 4.34 27.25
CA PHE A 443 -7.55 3.81 27.60
C PHE A 443 -8.42 3.60 26.37
N GLY A 444 -7.83 3.35 25.22
CA GLY A 444 -8.62 3.10 24.03
C GLY A 444 -9.36 1.78 24.07
N SER A 445 -8.62 0.67 24.18
CA SER A 445 -9.15 -0.65 23.93
C SER A 445 -9.64 -1.37 25.19
N ILE A 446 -9.32 -0.87 26.36
CA ILE A 446 -9.88 -1.46 27.58
C ILE A 446 -11.35 -1.01 27.69
N PRO A 447 -12.29 -1.93 27.89
CA PRO A 447 -13.70 -1.54 27.91
C PRO A 447 -14.10 -0.96 29.26
N GLU A 448 -15.31 -0.39 29.30
CA GLU A 448 -15.70 0.44 30.44
C GLU A 448 -15.95 -0.39 31.68
N ASP A 449 -16.61 -1.54 31.52
CA ASP A 449 -17.00 -2.36 32.66
C ASP A 449 -15.89 -3.26 33.18
N GLU A 450 -14.63 -2.94 32.88
CA GLU A 450 -13.48 -3.56 33.52
C GLU A 450 -12.38 -2.57 33.86
N LEU A 451 -12.62 -1.26 33.69
CA LEU A 451 -11.62 -0.25 34.03
C LEU A 451 -11.32 -0.25 35.52
N GLU A 452 -12.36 -0.36 36.36
CA GLU A 452 -12.14 -0.25 37.80
C GLU A 452 -11.54 -1.51 38.39
N GLU A 453 -11.41 -2.57 37.61
CA GLU A 453 -10.55 -3.68 38.01
C GLU A 453 -9.20 -3.65 37.33
N ALA A 454 -9.12 -3.09 36.12
CA ALA A 454 -7.86 -3.03 35.38
C ALA A 454 -6.87 -2.11 36.06
N ILE A 455 -7.25 -0.84 36.26
CA ILE A 455 -6.39 0.11 36.93
C ILE A 455 -6.13 -0.31 38.37
N ALA A 456 -7.10 -0.97 39.00
CA ALA A 456 -6.91 -1.48 40.35
C ALA A 456 -5.83 -2.53 40.40
N THR A 457 -5.84 -3.50 39.49
CA THR A 457 -4.80 -4.51 39.55
C THR A 457 -3.45 -4.02 39.03
N VAL A 458 -3.43 -2.96 38.22
CA VAL A 458 -2.16 -2.37 37.84
C VAL A 458 -1.51 -1.68 39.03
N LEU A 459 -2.28 -0.82 39.72
CA LEU A 459 -1.73 -0.10 40.86
C LEU A 459 -1.60 -1.00 42.09
N ASN A 460 -2.28 -2.14 42.10
CA ASN A 460 -2.04 -3.15 43.13
C ASN A 460 -0.76 -3.92 42.84
N ALA A 461 -0.45 -4.10 41.56
CA ALA A 461 0.80 -4.75 41.19
C ALA A 461 2.00 -3.88 41.54
N TRP A 462 1.92 -2.58 41.25
CA TRP A 462 3.04 -1.70 41.50
C TRP A 462 3.23 -1.44 42.98
N GLY A 463 2.24 -0.80 43.61
CA GLY A 463 2.30 -0.50 45.03
C GLY A 463 0.99 0.03 45.57
N PHE A 464 0.52 -0.59 46.65
CA PHE A 464 -0.80 -0.30 47.21
C PHE A 464 -0.75 0.96 48.07
N ASP B 103 -8.87 6.61 -19.16
CA ASP B 103 -10.08 7.27 -19.63
C ASP B 103 -11.20 6.26 -19.88
N THR B 104 -12.42 6.76 -19.99
CA THR B 104 -13.58 5.93 -20.31
C THR B 104 -13.80 5.90 -21.82
N ILE B 105 -13.99 4.71 -22.36
CA ILE B 105 -14.04 4.49 -23.80
C ILE B 105 -14.86 3.23 -24.04
N ARG B 106 -15.32 3.07 -25.28
CA ARG B 106 -15.97 1.83 -25.66
C ARG B 106 -14.98 0.92 -26.36
N TYR B 107 -15.16 -0.39 -26.16
CA TYR B 107 -14.36 -1.46 -26.76
C TYR B 107 -12.88 -1.34 -26.40
N ASN B 108 -12.60 -1.58 -25.12
CA ASN B 108 -11.26 -1.51 -24.57
C ASN B 108 -10.60 -2.88 -24.59
N PHE B 109 -9.36 -2.93 -25.09
CA PHE B 109 -8.70 -4.16 -25.55
C PHE B 109 -7.45 -4.49 -24.74
N HIS B 110 -7.41 -4.14 -23.45
CA HIS B 110 -6.16 -4.11 -22.72
C HIS B 110 -5.69 -5.52 -22.35
N PRO B 111 -4.37 -5.76 -22.28
CA PRO B 111 -3.87 -7.09 -21.95
C PRO B 111 -3.91 -7.45 -20.47
N THR B 112 -4.57 -6.67 -19.63
CA THR B 112 -4.72 -6.97 -18.22
C THR B 112 -6.16 -6.81 -17.74
N HIS B 113 -6.99 -6.12 -18.50
CA HIS B 113 -8.38 -5.90 -18.14
C HIS B 113 -9.14 -7.21 -18.29
N ILE B 114 -9.25 -7.96 -17.20
CA ILE B 114 -9.94 -9.25 -17.20
C ILE B 114 -11.44 -9.01 -17.37
N ASP B 115 -12.19 -10.02 -17.81
CA ASP B 115 -13.63 -9.94 -17.87
C ASP B 115 -14.22 -9.70 -16.49
N THR B 116 -15.24 -8.84 -16.46
CA THR B 116 -15.79 -8.33 -15.22
C THR B 116 -17.07 -9.04 -14.79
N THR B 117 -17.71 -9.77 -15.69
CA THR B 117 -19.04 -10.28 -15.47
C THR B 117 -19.08 -11.77 -15.15
N SER B 118 -18.11 -12.32 -14.42
CA SER B 118 -18.17 -13.74 -14.09
C SER B 118 -17.64 -14.06 -12.70
N PHE B 119 -17.45 -13.07 -11.84
CA PHE B 119 -16.99 -13.40 -10.50
C PHE B 119 -18.18 -13.75 -9.63
N PRO B 120 -18.11 -14.84 -8.83
CA PRO B 120 -19.24 -15.23 -7.98
C PRO B 120 -19.50 -14.25 -6.87
N PHE B 121 -20.25 -13.19 -7.22
CA PHE B 121 -20.67 -12.15 -6.29
C PHE B 121 -21.27 -12.73 -5.02
N GLU B 122 -22.15 -13.73 -5.15
CA GLU B 122 -22.74 -14.38 -3.99
C GLU B 122 -21.69 -15.13 -3.18
N GLN B 123 -20.71 -15.72 -3.84
CA GLN B 123 -19.65 -16.38 -3.09
C GLN B 123 -18.56 -15.39 -2.67
N TRP B 124 -18.57 -14.18 -3.21
CA TRP B 124 -17.81 -13.14 -2.53
C TRP B 124 -18.49 -12.68 -1.26
N ARG B 125 -19.81 -12.66 -1.23
CA ARG B 125 -20.54 -12.05 -0.13
C ARG B 125 -20.86 -13.01 1.01
N LYS B 126 -20.94 -14.32 0.76
CA LYS B 126 -21.20 -15.28 1.83
C LYS B 126 -20.04 -15.34 2.84
N TYR B 127 -18.80 -15.17 2.38
CA TYR B 127 -17.68 -15.13 3.31
C TYR B 127 -17.49 -13.74 3.91
N PHE B 128 -17.88 -12.68 3.17
CA PHE B 128 -17.74 -11.32 3.67
C PHE B 128 -18.71 -11.05 4.82
N LYS B 129 -19.94 -11.53 4.70
CA LYS B 129 -20.89 -11.40 5.80
C LYS B 129 -20.54 -12.29 6.99
N GLN B 130 -19.67 -13.29 6.79
CA GLN B 130 -19.35 -14.17 7.90
C GLN B 130 -18.34 -13.56 8.86
N THR B 131 -17.51 -12.62 8.41
CA THR B 131 -16.37 -12.21 9.21
C THR B 131 -16.61 -11.00 10.09
N MET B 132 -17.69 -10.24 9.86
CA MET B 132 -17.99 -9.07 10.67
C MET B 132 -19.11 -9.40 11.66
N CYS B 133 -18.74 -10.11 12.70
CA CYS B 133 -19.67 -10.49 13.77
C CYS B 133 -19.21 -9.90 15.09
N LYS B 134 -20.10 -9.95 16.08
CA LYS B 134 -19.75 -9.48 17.42
C LYS B 134 -18.78 -10.43 18.10
N GLU B 135 -18.85 -11.72 17.77
CA GLU B 135 -17.84 -12.65 18.24
C GLU B 135 -16.49 -12.41 17.57
N ASN B 136 -16.46 -11.73 16.43
CA ASN B 136 -15.25 -11.56 15.64
C ASN B 136 -14.73 -10.13 15.70
N HIS B 137 -14.71 -9.54 16.88
CA HIS B 137 -13.72 -8.50 17.14
C HIS B 137 -12.42 -9.17 17.57
N ARG B 138 -11.44 -8.34 17.96
CA ARG B 138 -9.98 -8.54 18.03
C ARG B 138 -9.37 -8.52 16.63
N LEU B 139 -10.21 -8.42 15.60
CA LEU B 139 -9.78 -8.43 14.21
C LEU B 139 -10.17 -7.15 13.50
N LEU B 140 -10.23 -6.04 14.22
CA LEU B 140 -10.34 -4.74 13.59
C LEU B 140 -9.18 -3.82 13.91
N LEU B 141 -8.33 -4.18 14.85
CA LEU B 141 -7.08 -3.48 15.08
C LEU B 141 -5.97 -4.18 14.29
N ASN B 142 -4.72 -3.79 14.55
CA ASN B 142 -3.61 -4.25 13.72
C ASN B 142 -2.88 -5.42 14.36
N GLY B 143 -2.86 -6.55 13.65
CA GLY B 143 -2.17 -7.74 14.09
C GLY B 143 -0.76 -7.82 13.53
N ASP B 144 -0.49 -8.80 12.68
CA ASP B 144 0.86 -8.93 12.16
C ASP B 144 1.04 -8.05 10.94
N HIS B 145 2.30 -7.91 10.53
CA HIS B 145 2.68 -6.93 9.53
C HIS B 145 2.97 -7.50 8.15
N GLN B 146 3.46 -8.74 8.05
CA GLN B 146 3.63 -9.39 6.77
C GLN B 146 2.37 -10.10 6.31
N GLY B 147 1.21 -9.72 6.86
CA GLY B 147 -0.06 -10.34 6.53
C GLY B 147 -0.63 -11.11 7.70
N GLU B 148 -1.85 -11.58 7.52
CA GLU B 148 -2.44 -12.46 8.50
C GLU B 148 -1.69 -13.77 8.54
N ALA B 149 -1.55 -14.35 9.73
CA ALA B 149 -0.73 -15.54 9.94
C ALA B 149 -1.38 -16.81 9.44
N SER B 150 -2.55 -16.74 8.80
CA SER B 150 -3.12 -17.88 8.12
C SER B 150 -3.29 -17.65 6.63
N PHE B 151 -3.42 -16.40 6.19
CA PHE B 151 -3.29 -16.08 4.78
C PHE B 151 -1.89 -16.35 4.26
N ARG B 152 -0.88 -16.36 5.13
CA ARG B 152 0.45 -16.82 4.77
C ARG B 152 0.61 -18.32 4.93
N ARG B 153 -0.17 -18.96 5.79
CA ARG B 153 -0.10 -20.41 5.90
C ARG B 153 -0.78 -21.09 4.72
N GLU B 154 -1.76 -20.42 4.15
CA GLU B 154 -2.54 -21.01 3.06
C GLU B 154 -1.86 -20.89 1.70
N ILE B 155 -1.04 -19.85 1.49
CA ILE B 155 -0.33 -19.73 0.22
C ILE B 155 0.75 -20.81 0.12
N ALA B 156 1.29 -21.25 1.24
CA ALA B 156 2.27 -22.32 1.21
C ALA B 156 1.66 -23.70 1.01
N TYR B 157 0.34 -23.81 0.87
CA TYR B 157 -0.27 -25.04 0.36
C TYR B 157 -1.20 -24.75 -0.81
N TYR B 158 -1.15 -23.53 -1.32
CA TYR B 158 -1.65 -23.28 -2.66
C TYR B 158 -0.55 -23.38 -3.71
N LEU B 159 0.49 -22.57 -3.60
CA LEU B 159 1.54 -22.54 -4.60
C LEU B 159 2.40 -23.78 -4.61
N HIS B 160 2.48 -24.50 -3.50
CA HIS B 160 3.34 -25.67 -3.41
C HIS B 160 2.86 -26.80 -4.31
N HIS B 161 1.55 -27.01 -4.40
CA HIS B 161 1.05 -28.06 -5.27
C HIS B 161 0.23 -27.53 -6.44
N SER B 162 0.24 -26.21 -6.68
CA SER B 162 -0.22 -25.73 -7.97
C SER B 162 0.88 -25.21 -8.86
N ARG B 163 2.04 -24.83 -8.33
CA ARG B 163 3.13 -24.33 -9.16
C ARG B 163 4.50 -24.86 -8.76
N GLY B 164 4.63 -25.59 -7.66
CA GLY B 164 5.82 -26.35 -7.37
C GLY B 164 6.80 -25.73 -6.40
N VAL B 165 6.51 -24.54 -5.86
CA VAL B 165 7.48 -23.82 -5.03
C VAL B 165 7.51 -24.42 -3.64
N ASN B 166 8.71 -24.81 -3.18
CA ASN B 166 8.91 -25.30 -1.82
C ASN B 166 9.29 -24.15 -0.91
N CYS B 167 8.45 -23.84 0.07
CA CYS B 167 8.73 -22.76 1.02
C CYS B 167 7.91 -22.97 2.27
N THR B 168 8.14 -22.09 3.26
CA THR B 168 7.58 -22.04 4.60
C THR B 168 6.78 -20.75 4.78
N PRO B 169 5.73 -20.74 5.60
CA PRO B 169 5.03 -19.48 5.88
C PRO B 169 5.79 -18.50 6.76
N GLU B 170 7.01 -18.80 7.18
CA GLU B 170 7.82 -17.77 7.83
C GLU B 170 8.59 -16.93 6.83
N GLN B 171 8.58 -17.29 5.55
CA GLN B 171 9.36 -16.60 4.53
C GLN B 171 8.50 -15.83 3.54
N VAL B 172 7.21 -15.80 3.73
CA VAL B 172 6.32 -15.16 2.77
C VAL B 172 6.22 -13.68 3.13
N VAL B 173 6.00 -12.84 2.12
CA VAL B 173 5.78 -11.41 2.32
C VAL B 173 4.61 -11.01 1.45
N VAL B 174 3.58 -10.40 2.04
CA VAL B 174 2.47 -9.87 1.27
C VAL B 174 2.69 -8.38 1.09
N GLY B 175 1.92 -7.78 0.20
CA GLY B 175 2.17 -6.40 -0.13
C GLY B 175 0.99 -5.79 -0.80
N ALA B 176 1.25 -4.79 -1.64
CA ALA B 176 0.17 -4.05 -2.27
C ALA B 176 0.66 -3.46 -3.57
N GLY B 177 0.06 -3.87 -4.67
CA GLY B 177 0.55 -3.51 -5.99
C GLY B 177 1.57 -4.52 -6.41
N VAL B 178 2.68 -4.11 -7.02
CA VAL B 178 3.90 -4.88 -6.87
C VAL B 178 5.04 -3.91 -6.66
N GLU B 179 4.79 -2.63 -6.92
CA GLU B 179 5.84 -1.64 -6.81
C GLU B 179 6.18 -1.36 -5.36
N THR B 180 5.17 -1.34 -4.50
CA THR B 180 5.42 -1.29 -3.07
C THR B 180 5.98 -2.61 -2.55
N LEU B 181 5.90 -3.66 -3.34
CA LEU B 181 6.64 -4.86 -3.02
C LEU B 181 8.06 -4.82 -3.55
N LEU B 182 8.36 -3.94 -4.50
CA LEU B 182 9.72 -3.84 -5.03
C LEU B 182 10.56 -2.81 -4.29
N GLN B 183 9.96 -1.71 -3.84
CA GLN B 183 10.73 -0.71 -3.12
C GLN B 183 11.06 -1.13 -1.72
N GLN B 184 10.43 -2.18 -1.20
CA GLN B 184 10.89 -2.84 0.00
C GLN B 184 11.78 -4.03 -0.31
N LEU B 185 12.32 -4.09 -1.53
CA LEU B 185 13.45 -4.94 -1.87
C LEU B 185 14.65 -4.14 -2.31
N PHE B 186 14.44 -3.00 -2.97
CA PHE B 186 15.50 -2.14 -3.50
C PHE B 186 16.39 -1.54 -2.43
N LEU B 187 16.00 -1.63 -1.17
CA LEU B 187 16.79 -1.12 -0.08
C LEU B 187 17.23 -2.23 0.86
N LEU B 188 16.92 -3.48 0.53
CA LEU B 188 17.41 -4.60 1.31
C LEU B 188 18.73 -5.15 0.78
N LEU B 189 19.18 -4.70 -0.39
CA LEU B 189 20.38 -5.21 -1.03
C LEU B 189 21.55 -4.24 -0.95
N GLY B 190 21.32 -2.98 -1.28
CA GLY B 190 22.36 -1.99 -1.19
C GLY B 190 22.24 -0.98 -2.31
N GLU B 191 23.31 -0.22 -2.49
CA GLU B 191 23.45 0.68 -3.62
C GLU B 191 24.76 0.42 -4.36
N SER B 192 25.20 -0.83 -4.37
CA SER B 192 26.31 -1.27 -5.20
C SER B 192 25.89 -2.19 -6.33
N LYS B 193 24.59 -2.38 -6.54
CA LYS B 193 24.13 -3.36 -7.51
C LYS B 193 23.77 -2.70 -8.85
N VAL B 194 23.71 -3.53 -9.88
CA VAL B 194 23.22 -3.14 -11.20
C VAL B 194 22.18 -4.17 -11.65
N TYR B 195 21.15 -3.70 -12.34
CA TYR B 195 19.91 -4.45 -12.50
C TYR B 195 19.65 -4.73 -13.97
N GLY B 196 19.42 -6.00 -14.30
CA GLY B 196 19.24 -6.41 -15.67
C GLY B 196 17.78 -6.64 -16.01
N ILE B 197 17.29 -5.86 -16.95
CA ILE B 197 15.94 -6.01 -17.47
C ILE B 197 16.02 -6.65 -18.85
N GLU B 198 14.87 -7.08 -19.36
CA GLU B 198 14.81 -7.57 -20.72
C GLU B 198 14.42 -6.44 -21.66
N ASP B 199 14.33 -6.75 -22.94
CA ASP B 199 13.79 -5.84 -23.94
C ASP B 199 13.30 -6.66 -25.12
N PRO B 200 11.99 -6.64 -25.44
CA PRO B 200 10.90 -5.96 -24.76
C PRO B 200 10.45 -6.68 -23.52
N GLY B 201 9.73 -5.98 -22.68
CA GLY B 201 9.21 -6.56 -21.46
C GLY B 201 8.15 -5.66 -20.92
N TYR B 202 7.86 -5.83 -19.65
CA TYR B 202 6.96 -4.91 -18.97
C TYR B 202 7.67 -3.59 -18.76
N GLN B 203 6.90 -2.50 -18.78
CA GLN B 203 7.49 -1.17 -18.72
C GLN B 203 7.64 -0.65 -17.30
N LEU B 204 7.81 -1.54 -16.33
CA LEU B 204 7.88 -1.16 -14.93
C LEU B 204 9.30 -0.94 -14.45
N MET B 205 10.12 -1.99 -14.46
CA MET B 205 11.40 -1.94 -13.78
C MET B 205 12.45 -1.10 -14.53
N ARG B 206 12.13 -0.61 -15.72
CA ARG B 206 12.94 0.47 -16.26
C ARG B 206 12.59 1.78 -15.56
N LYS B 207 11.30 2.08 -15.45
CA LYS B 207 10.89 3.38 -14.92
C LYS B 207 11.06 3.46 -13.40
N LEU B 208 10.96 2.32 -12.71
CA LEU B 208 11.16 2.30 -11.27
C LEU B 208 12.61 2.59 -10.91
N LEU B 209 13.55 2.24 -11.78
CA LEU B 209 14.96 2.47 -11.53
C LEU B 209 15.44 3.79 -12.07
N SER B 210 14.55 4.75 -12.25
CA SER B 210 14.94 6.10 -12.62
C SER B 210 14.81 7.06 -11.45
N HIS B 211 14.40 6.58 -10.28
CA HIS B 211 14.35 7.37 -9.06
C HIS B 211 15.49 7.03 -8.12
N TYR B 212 16.41 6.20 -8.54
CA TYR B 212 17.42 5.61 -7.68
C TYR B 212 18.77 5.83 -8.33
N PRO B 213 19.85 5.73 -7.56
CA PRO B 213 21.19 5.75 -8.17
C PRO B 213 21.64 4.42 -8.72
N ASN B 214 20.82 3.37 -8.69
CA ASN B 214 21.19 2.13 -9.35
C ASN B 214 21.13 2.30 -10.85
N ASP B 215 21.91 1.48 -11.56
CA ASP B 215 22.07 1.60 -13.01
C ASP B 215 21.71 0.29 -13.68
N TYR B 216 20.97 0.38 -14.78
CA TYR B 216 20.42 -0.76 -15.47
C TYR B 216 21.02 -0.89 -16.85
N VAL B 217 21.07 -2.13 -17.36
CA VAL B 217 21.52 -2.40 -18.72
C VAL B 217 20.57 -3.36 -19.41
N PRO B 218 20.14 -3.07 -20.64
CA PRO B 218 19.14 -3.91 -21.29
C PRO B 218 19.72 -5.17 -21.89
N PHE B 219 18.91 -5.93 -22.62
CA PHE B 219 19.34 -7.10 -23.38
C PHE B 219 18.42 -7.22 -24.60
N GLN B 220 18.44 -8.37 -25.25
CA GLN B 220 17.49 -8.69 -26.29
C GLN B 220 16.87 -10.04 -26.01
N VAL B 221 15.71 -10.29 -26.61
CA VAL B 221 14.93 -11.50 -26.38
C VAL B 221 14.75 -12.22 -27.70
N ASP B 222 15.17 -13.48 -27.76
CA ASP B 222 15.00 -14.31 -28.95
C ASP B 222 13.88 -15.31 -28.71
N GLU B 223 13.66 -16.20 -29.68
CA GLU B 223 12.56 -17.13 -29.59
C GLU B 223 12.86 -18.35 -28.71
N GLU B 224 14.10 -18.50 -28.23
CA GLU B 224 14.38 -19.48 -27.19
C GLU B 224 14.29 -18.87 -25.80
N GLY B 225 14.22 -17.54 -25.71
CA GLY B 225 14.16 -16.84 -24.44
C GLY B 225 14.96 -15.56 -24.40
N ILE B 226 15.83 -15.43 -23.40
CA ILE B 226 16.63 -14.23 -23.17
C ILE B 226 18.07 -14.53 -23.54
N ASP B 227 18.82 -13.50 -23.94
CA ASP B 227 20.19 -13.64 -24.42
C ASP B 227 21.13 -13.97 -23.26
N VAL B 228 21.04 -15.22 -22.79
CA VAL B 228 21.79 -15.70 -21.64
C VAL B 228 23.29 -15.69 -21.92
N ASP B 229 23.68 -15.91 -23.18
CA ASP B 229 25.09 -15.86 -23.56
C ASP B 229 25.68 -14.46 -23.45
N SER B 230 24.85 -13.42 -23.44
CA SER B 230 25.38 -12.08 -23.25
C SER B 230 25.69 -11.80 -21.80
N ILE B 231 24.98 -12.45 -20.87
CA ILE B 231 25.01 -12.04 -19.47
C ILE B 231 26.25 -12.58 -18.77
N VAL B 232 26.75 -13.73 -19.21
CA VAL B 232 27.90 -14.36 -18.57
C VAL B 232 29.17 -13.55 -18.80
N ARG B 233 29.24 -12.82 -19.92
CA ARG B 233 30.37 -11.96 -20.25
C ARG B 233 30.01 -10.48 -20.09
N THR B 234 29.17 -10.17 -19.10
CA THR B 234 28.79 -8.80 -18.78
C THR B 234 28.75 -8.69 -17.27
N ALA B 235 28.79 -7.45 -16.75
CA ALA B 235 29.04 -7.21 -15.33
C ALA B 235 27.77 -6.90 -14.55
N VAL B 236 26.65 -7.57 -14.83
CA VAL B 236 25.42 -7.31 -14.11
C VAL B 236 25.41 -8.15 -12.84
N ASP B 237 24.57 -7.77 -11.89
CA ASP B 237 24.57 -8.41 -10.58
C ASP B 237 23.22 -8.97 -10.18
N VAL B 238 22.12 -8.35 -10.58
CA VAL B 238 20.79 -8.91 -10.40
C VAL B 238 20.02 -8.74 -11.70
N VAL B 239 19.43 -9.84 -12.21
CA VAL B 239 18.70 -9.78 -13.46
C VAL B 239 17.28 -10.30 -13.25
N TYR B 240 16.33 -9.73 -13.99
CA TYR B 240 14.91 -9.91 -13.78
C TYR B 240 14.30 -10.53 -15.02
N THR B 241 13.86 -11.78 -14.91
CA THR B 241 13.41 -12.57 -16.04
C THR B 241 12.04 -13.16 -15.78
N THR B 242 11.39 -13.62 -16.84
CA THR B 242 10.06 -14.23 -16.75
C THR B 242 10.14 -15.66 -17.24
N PRO B 243 10.09 -16.64 -16.36
CA PRO B 243 10.29 -18.03 -16.78
C PRO B 243 9.15 -18.65 -17.57
N SER B 244 7.93 -18.62 -17.01
CA SER B 244 6.88 -19.45 -17.56
C SER B 244 6.19 -18.84 -18.77
N ARG B 245 6.38 -17.54 -19.00
CA ARG B 245 5.86 -16.87 -20.18
C ARG B 245 6.69 -15.62 -20.42
N HIS B 246 6.18 -14.75 -21.28
CA HIS B 246 6.91 -13.55 -21.69
C HIS B 246 5.98 -12.59 -22.39
N PHE B 247 5.89 -11.36 -21.90
CA PHE B 247 5.39 -10.30 -22.75
C PHE B 247 6.35 -10.07 -23.90
N PRO B 248 5.86 -9.69 -25.07
CA PRO B 248 4.47 -9.77 -25.49
C PRO B 248 4.31 -10.88 -26.53
N TYR B 249 5.26 -11.81 -26.54
CA TYR B 249 5.30 -12.88 -27.53
C TYR B 249 4.77 -14.19 -26.99
N GLY B 250 5.35 -14.71 -25.93
CA GLY B 250 5.05 -16.03 -25.45
C GLY B 250 6.23 -16.98 -25.42
N SER B 251 7.43 -16.47 -25.58
CA SER B 251 8.63 -17.27 -25.71
C SER B 251 8.98 -17.88 -24.36
N VAL B 252 8.57 -19.12 -24.15
CA VAL B 252 8.95 -19.86 -22.95
C VAL B 252 10.46 -20.06 -22.93
N LEU B 253 11.05 -19.97 -21.74
CA LEU B 253 12.50 -20.15 -21.62
C LEU B 253 12.88 -21.60 -21.90
N SER B 254 13.82 -21.78 -22.81
CA SER B 254 14.27 -23.12 -23.16
C SER B 254 15.13 -23.70 -22.05
N ILE B 255 15.03 -25.03 -21.87
CA ILE B 255 15.53 -25.69 -20.66
C ILE B 255 17.05 -25.68 -20.55
N ASN B 256 17.77 -25.48 -21.65
CA ASN B 256 19.22 -25.36 -21.54
C ASN B 256 19.63 -24.08 -20.85
N ARG B 257 18.99 -22.97 -21.21
CA ARG B 257 19.34 -21.67 -20.66
C ARG B 257 18.96 -21.55 -19.18
N ARG B 258 17.98 -22.33 -18.72
CA ARG B 258 17.64 -22.36 -17.30
C ARG B 258 18.76 -22.97 -16.48
N LYS B 259 19.29 -24.11 -16.92
CA LYS B 259 20.41 -24.72 -16.22
C LYS B 259 21.71 -23.97 -16.42
N GLN B 260 21.78 -23.11 -17.44
CA GLN B 260 22.90 -22.18 -17.54
C GLN B 260 22.79 -21.05 -16.52
N LEU B 261 21.62 -20.40 -16.47
CA LEU B 261 21.39 -19.28 -15.58
C LEU B 261 21.27 -19.72 -14.12
N LEU B 262 21.18 -21.02 -13.85
CA LEU B 262 21.38 -21.47 -12.49
C LEU B 262 22.83 -21.27 -12.04
N HIS B 263 23.79 -21.79 -12.82
CA HIS B 263 25.19 -21.67 -12.46
C HIS B 263 25.73 -20.25 -12.60
N TRP B 264 25.08 -19.43 -13.43
CA TRP B 264 25.36 -17.99 -13.47
C TRP B 264 25.27 -17.38 -12.07
N ALA B 265 24.12 -17.48 -11.45
CA ALA B 265 23.93 -16.87 -10.15
C ALA B 265 24.46 -17.74 -9.02
N GLU B 266 24.80 -19.00 -9.30
CA GLU B 266 25.49 -19.80 -8.29
C GLU B 266 27.00 -19.71 -8.39
N ALA B 267 27.52 -18.91 -9.31
CA ALA B 267 28.97 -18.70 -9.35
C ALA B 267 29.46 -17.93 -8.13
N HIS B 268 29.07 -16.68 -7.99
CA HIS B 268 29.60 -15.83 -6.94
C HIS B 268 28.69 -15.88 -5.71
N GLU B 269 28.88 -14.93 -4.79
CA GLU B 269 28.09 -14.85 -3.57
C GLU B 269 27.12 -13.68 -3.54
N ASN B 270 27.36 -12.61 -4.31
CA ASN B 270 26.54 -11.41 -4.18
C ASN B 270 25.48 -11.26 -5.26
N ARG B 271 25.23 -12.27 -6.09
CA ARG B 271 24.32 -12.12 -7.21
C ARG B 271 22.97 -12.77 -6.92
N TYR B 272 21.92 -12.22 -7.53
CA TYR B 272 20.57 -12.75 -7.36
C TYR B 272 19.82 -12.65 -8.69
N ILE B 273 18.70 -13.35 -8.79
CA ILE B 273 17.81 -13.28 -9.96
C ILE B 273 16.36 -13.20 -9.48
N ILE B 274 15.53 -12.49 -10.22
CA ILE B 274 14.10 -12.37 -9.91
C ILE B 274 13.33 -13.12 -10.99
N GLU B 275 12.23 -13.74 -10.60
CA GLU B 275 11.28 -14.32 -11.54
C GLU B 275 9.91 -13.69 -11.36
N ASP B 276 9.18 -13.58 -12.45
CA ASP B 276 7.90 -12.88 -12.47
C ASP B 276 6.87 -13.78 -13.16
N ASP B 277 6.27 -14.68 -12.39
CA ASP B 277 5.22 -15.54 -12.94
C ASP B 277 3.85 -14.99 -12.55
N TYR B 278 3.59 -13.81 -13.12
CA TYR B 278 2.25 -13.24 -13.04
C TYR B 278 1.22 -14.13 -13.72
N ASP B 279 1.62 -14.79 -14.80
CA ASP B 279 0.68 -15.55 -15.64
C ASP B 279 0.97 -17.04 -15.46
N SER B 280 -0.01 -17.73 -14.91
CA SER B 280 0.02 -19.17 -14.75
C SER B 280 -1.40 -19.62 -14.54
N GLU B 281 -1.63 -20.93 -14.71
CA GLU B 281 -2.92 -21.60 -14.74
C GLU B 281 -3.87 -21.07 -15.82
N PHE B 282 -3.38 -20.25 -16.76
CA PHE B 282 -4.13 -19.71 -17.87
C PHE B 282 -3.46 -20.07 -19.19
N ARG B 283 -3.01 -21.30 -19.32
CA ARG B 283 -2.55 -21.85 -20.57
C ARG B 283 -3.32 -23.15 -20.81
N TYR B 284 -3.58 -23.44 -22.09
CA TYR B 284 -4.69 -24.32 -22.47
C TYR B 284 -4.43 -25.77 -22.08
N THR B 285 -3.28 -26.34 -22.46
CA THR B 285 -2.95 -27.71 -22.10
C THR B 285 -1.44 -27.81 -21.89
N GLY B 286 -1.02 -28.90 -21.25
CA GLY B 286 0.35 -29.07 -20.82
C GLY B 286 0.66 -27.97 -19.81
N LYS B 287 -0.16 -27.93 -18.76
CA LYS B 287 -0.72 -26.70 -18.20
C LYS B 287 0.26 -25.53 -18.09
N THR B 288 1.36 -25.71 -17.37
CA THR B 288 2.41 -24.73 -17.22
C THR B 288 3.66 -25.51 -16.87
N ILE B 289 4.79 -25.11 -17.43
CA ILE B 289 6.05 -25.72 -17.00
C ILE B 289 6.32 -25.32 -15.56
N PRO B 290 6.72 -26.24 -14.68
CA PRO B 290 6.96 -25.90 -13.27
C PRO B 290 8.05 -24.85 -13.10
N SER B 291 8.06 -24.28 -11.90
CA SER B 291 8.62 -22.97 -11.66
C SER B 291 10.14 -23.01 -11.51
N LEU B 292 10.76 -21.89 -11.88
CA LEU B 292 12.20 -21.72 -11.75
C LEU B 292 12.65 -21.76 -10.31
N GLN B 293 11.76 -21.44 -9.36
CA GLN B 293 12.06 -21.62 -7.95
C GLN B 293 12.25 -23.08 -7.59
N SER B 294 11.61 -24.00 -8.31
CA SER B 294 11.74 -25.41 -7.96
C SER B 294 13.07 -25.98 -8.42
N MET B 295 13.60 -25.47 -9.53
CA MET B 295 14.85 -26.00 -10.06
C MET B 295 16.06 -25.53 -9.27
N ASP B 296 15.89 -24.54 -8.39
CA ASP B 296 16.97 -24.01 -7.58
C ASP B 296 17.03 -24.69 -6.22
N VAL B 297 18.25 -25.05 -5.80
CA VAL B 297 18.46 -25.64 -4.48
C VAL B 297 19.60 -24.93 -3.76
N HIS B 298 20.03 -23.77 -4.28
CA HIS B 298 21.08 -23.02 -3.61
C HIS B 298 20.70 -21.55 -3.36
N ASN B 299 19.41 -21.22 -3.44
CA ASN B 299 18.81 -19.99 -2.90
C ASN B 299 19.37 -18.71 -3.49
N LYS B 300 19.20 -18.51 -4.80
CA LYS B 300 19.60 -17.26 -5.43
C LYS B 300 18.47 -16.64 -6.23
N VAL B 301 17.26 -17.16 -6.10
CA VAL B 301 16.11 -16.68 -6.85
C VAL B 301 15.00 -16.30 -5.88
N ILE B 302 14.38 -15.15 -6.11
CA ILE B 302 13.25 -14.68 -5.33
C ILE B 302 12.00 -14.80 -6.19
N TYR B 303 10.88 -15.14 -5.55
CA TYR B 303 9.62 -15.39 -6.22
C TYR B 303 8.70 -14.20 -6.06
N LEU B 304 7.86 -13.94 -7.07
CA LEU B 304 7.14 -12.69 -7.11
C LEU B 304 5.89 -12.85 -7.99
N GLY B 305 4.70 -12.82 -7.38
CA GLY B 305 3.47 -13.04 -8.13
C GLY B 305 2.26 -12.52 -7.37
N ALA B 306 1.11 -12.50 -8.04
CA ALA B 306 0.03 -11.69 -7.54
C ALA B 306 -1.35 -12.26 -7.85
N PHE B 307 -2.30 -11.95 -6.96
CA PHE B 307 -3.72 -12.27 -7.14
C PHE B 307 -4.45 -11.09 -7.76
N SER B 308 -4.02 -10.64 -8.93
CA SER B 308 -4.76 -9.55 -9.54
C SER B 308 -4.81 -9.67 -11.06
N1 LLP B 309 3.95 -8.47 -12.97
C2 LLP B 309 3.65 -8.28 -14.26
C2' LLP B 309 4.78 -8.12 -15.31
C3 LLP B 309 2.30 -8.24 -14.68
O3 LLP B 309 1.98 -8.03 -16.03
C4 LLP B 309 1.29 -8.39 -13.76
C4' LLP B 309 -0.24 -8.33 -14.23
C5 LLP B 309 1.60 -8.57 -12.46
C6 LLP B 309 2.92 -8.62 -12.04
C5' LLP B 309 0.46 -8.73 -11.42
OP4 LLP B 309 0.77 -7.90 -10.33
P LLP B 309 0.02 -6.57 -10.21
OP1 LLP B 309 -1.46 -6.80 -10.53
OP2 LLP B 309 0.58 -5.57 -11.15
OP3 LLP B 309 0.16 -6.07 -8.82
N LLP B 309 -5.07 -10.88 -11.53
CA LLP B 309 -5.35 -11.15 -12.93
CB LLP B 309 -4.09 -11.46 -13.69
CG LLP B 309 -3.63 -10.24 -14.47
CD LLP B 309 -2.64 -10.73 -15.55
CE LLP B 309 -1.48 -9.73 -15.68
NZ LLP B 309 -0.73 -9.67 -14.43
C LLP B 309 -6.29 -12.30 -12.93
O LLP B 309 -7.26 -12.34 -13.65
N SER B 310 -5.97 -13.27 -12.07
CA SER B 310 -6.88 -14.37 -11.80
C SER B 310 -8.14 -13.87 -11.12
N LEU B 311 -7.97 -13.28 -9.94
CA LEU B 311 -9.08 -13.06 -9.00
C LEU B 311 -9.91 -11.83 -9.37
N ILE B 312 -9.35 -10.64 -9.15
CA ILE B 312 -10.01 -9.35 -9.36
C ILE B 312 -8.89 -8.33 -9.62
N PRO B 313 -9.06 -7.41 -10.58
CA PRO B 313 -8.01 -6.40 -10.81
C PRO B 313 -7.77 -5.43 -9.65
N SER B 314 -8.72 -5.23 -8.73
CA SER B 314 -8.58 -4.23 -7.67
C SER B 314 -8.83 -4.81 -6.28
N VAL B 315 -8.39 -6.03 -6.04
CA VAL B 315 -8.29 -6.48 -4.65
C VAL B 315 -6.96 -5.99 -4.06
N ARG B 316 -5.95 -5.79 -4.92
CA ARG B 316 -4.62 -5.24 -4.58
C ARG B 316 -3.91 -6.09 -3.54
N ILE B 317 -3.65 -7.34 -3.88
CA ILE B 317 -2.84 -8.21 -3.06
C ILE B 317 -1.77 -8.83 -3.95
N SER B 318 -0.52 -8.83 -3.48
CA SER B 318 0.53 -9.55 -4.15
C SER B 318 1.40 -10.20 -3.09
N TYR B 319 1.49 -11.51 -3.13
CA TYR B 319 2.39 -12.24 -2.27
C TYR B 319 3.82 -12.09 -2.77
N MET B 320 4.74 -12.73 -2.08
CA MET B 320 6.14 -12.77 -2.46
C MET B 320 6.73 -13.89 -1.63
N VAL B 321 7.71 -14.60 -2.16
CA VAL B 321 8.40 -15.60 -1.38
C VAL B 321 9.84 -15.16 -1.25
N LEU B 322 10.43 -15.41 -0.09
CA LEU B 322 11.82 -15.06 0.09
C LEU B 322 12.65 -16.28 0.43
N PRO B 323 13.91 -16.30 0.04
CA PRO B 323 14.83 -17.34 0.50
C PRO B 323 15.26 -17.11 1.93
N ALA B 324 16.00 -18.07 2.46
CA ALA B 324 16.46 -17.99 3.84
C ALA B 324 17.41 -16.83 4.18
N PRO B 325 18.40 -16.44 3.36
CA PRO B 325 19.24 -15.31 3.78
C PRO B 325 18.70 -13.93 3.41
N LEU B 326 17.44 -13.80 3.00
CA LEU B 326 16.83 -12.48 2.94
C LEU B 326 15.58 -12.32 3.79
N ALA B 327 14.91 -13.42 4.16
CA ALA B 327 13.76 -13.31 5.05
C ALA B 327 14.19 -12.81 6.42
N HIS B 328 15.28 -13.39 6.94
CA HIS B 328 15.88 -12.91 8.17
C HIS B 328 16.35 -11.47 8.04
N LEU B 329 16.89 -11.10 6.89
CA LEU B 329 17.43 -9.76 6.75
C LEU B 329 16.33 -8.74 6.49
N TYR B 330 15.14 -9.19 6.14
CA TYR B 330 13.97 -8.34 5.98
C TYR B 330 13.24 -8.10 7.28
N LYS B 331 13.04 -9.16 8.08
CA LYS B 331 12.39 -9.02 9.37
C LYS B 331 13.20 -8.12 10.31
N ASN B 332 14.52 -8.15 10.19
CA ASN B 332 15.35 -7.34 11.08
C ASN B 332 15.27 -5.86 10.74
N LYS B 333 15.61 -5.50 9.51
CA LYS B 333 15.67 -4.09 9.18
C LYS B 333 14.33 -3.56 8.68
N PHE B 334 13.25 -4.32 8.85
CA PHE B 334 11.93 -3.79 8.58
C PHE B 334 10.95 -4.21 9.65
N SER B 335 11.35 -4.13 10.91
CA SER B 335 10.49 -4.59 11.99
C SER B 335 9.52 -3.54 12.46
N TYR B 336 9.50 -2.36 11.86
CA TYR B 336 8.70 -1.27 12.36
C TYR B 336 7.61 -0.82 11.39
N TYR B 337 7.40 -1.55 10.31
CA TYR B 337 6.33 -1.21 9.39
C TYR B 337 5.03 -1.86 9.86
N HIS B 338 3.95 -1.56 9.15
CA HIS B 338 2.74 -2.36 9.23
C HIS B 338 2.52 -2.98 7.86
N SER B 339 1.37 -3.61 7.65
CA SER B 339 1.05 -4.09 6.32
C SER B 339 0.59 -2.95 5.41
N THR B 340 0.11 -3.31 4.23
CA THR B 340 -0.54 -2.34 3.35
C THR B 340 -1.83 -2.93 2.77
N VAL B 341 -2.25 -4.09 3.28
CA VAL B 341 -3.56 -4.64 2.99
C VAL B 341 -4.23 -5.03 4.30
N SER B 342 -5.57 -4.99 4.28
CA SER B 342 -6.39 -4.95 5.48
C SER B 342 -6.37 -6.30 6.21
N ARG B 343 -7.09 -6.35 7.32
CA ARG B 343 -7.38 -7.62 7.97
C ARG B 343 -8.77 -8.13 7.64
N ILE B 344 -9.43 -7.55 6.64
CA ILE B 344 -10.62 -8.13 6.06
C ILE B 344 -10.38 -8.61 4.63
N ASP B 345 -9.56 -7.90 3.85
CA ASP B 345 -9.21 -8.38 2.52
C ASP B 345 -8.33 -9.61 2.54
N GLN B 346 -7.76 -9.96 3.69
CA GLN B 346 -7.02 -11.21 3.81
C GLN B 346 -7.88 -12.31 4.43
N GLN B 347 -8.66 -11.97 5.44
CA GLN B 347 -9.48 -12.97 6.09
C GLN B 347 -10.80 -13.20 5.39
N VAL B 348 -11.00 -12.59 4.23
CA VAL B 348 -11.95 -13.13 3.27
C VAL B 348 -11.30 -14.23 2.46
N LEU B 349 -10.10 -13.98 1.92
CA LEU B 349 -9.46 -14.94 1.05
C LEU B 349 -8.82 -16.11 1.81
N THR B 350 -8.81 -16.09 3.13
CA THR B 350 -8.46 -17.33 3.81
C THR B 350 -9.62 -18.32 3.79
N ALA B 351 -10.83 -17.86 4.08
CA ALA B 351 -11.99 -18.74 4.00
C ALA B 351 -12.46 -18.96 2.57
N PHE B 352 -12.09 -18.09 1.64
CA PHE B 352 -12.39 -18.27 0.23
C PHE B 352 -11.57 -19.39 -0.38
N MET B 353 -10.44 -19.72 0.22
CA MET B 353 -9.56 -20.75 -0.27
C MET B 353 -9.53 -21.98 0.60
N LYS B 354 -9.89 -21.86 1.87
CA LYS B 354 -9.93 -23.02 2.75
C LYS B 354 -11.08 -23.94 2.39
N GLN B 355 -12.25 -23.37 2.07
CA GLN B 355 -13.46 -24.14 1.85
C GLN B 355 -13.91 -24.11 0.38
N GLY B 356 -12.96 -24.23 -0.55
CA GLY B 356 -13.26 -24.77 -1.86
C GLY B 356 -13.39 -23.80 -2.99
N ASP B 357 -14.04 -22.65 -2.83
CA ASP B 357 -14.57 -21.95 -3.99
C ASP B 357 -13.57 -21.04 -4.66
N PHE B 358 -12.28 -21.38 -4.61
CA PHE B 358 -11.27 -20.76 -5.45
C PHE B 358 -10.86 -21.64 -6.61
N GLU B 359 -10.71 -22.95 -6.38
CA GLU B 359 -10.29 -23.85 -7.44
C GLU B 359 -11.38 -24.03 -8.49
N LYS B 360 -12.65 -23.99 -8.08
CA LYS B 360 -13.73 -23.99 -9.04
C LYS B 360 -13.73 -22.72 -9.89
N HIS B 361 -13.41 -21.58 -9.29
CA HIS B 361 -13.26 -20.36 -10.07
C HIS B 361 -12.06 -20.45 -11.00
N LEU B 362 -10.99 -21.11 -10.55
CA LEU B 362 -9.81 -21.32 -11.39
C LEU B 362 -10.14 -22.12 -12.64
N ASN B 363 -10.80 -23.28 -12.46
CA ASN B 363 -11.12 -24.12 -13.61
C ASN B 363 -12.18 -23.47 -14.50
N ARG B 364 -13.14 -22.76 -13.90
CA ARG B 364 -14.17 -22.10 -14.69
C ARG B 364 -13.58 -20.98 -15.54
N MET B 365 -12.70 -20.15 -14.96
CA MET B 365 -12.02 -19.14 -15.74
C MET B 365 -10.99 -19.75 -16.68
N ARG B 366 -10.56 -20.98 -16.41
CA ARG B 366 -9.62 -21.64 -17.31
C ARG B 366 -10.32 -22.07 -18.60
N LYS B 367 -11.53 -22.60 -18.48
CA LYS B 367 -12.29 -23.01 -19.66
C LYS B 367 -12.96 -21.85 -20.40
N ILE B 368 -13.39 -20.81 -19.67
CA ILE B 368 -14.06 -19.66 -20.29
C ILE B 368 -13.13 -18.98 -21.28
N TYR B 369 -11.86 -18.85 -20.93
CA TYR B 369 -10.95 -18.11 -21.78
C TYR B 369 -10.51 -18.94 -22.99
N ARG B 370 -10.48 -20.27 -22.88
CA ARG B 370 -10.25 -21.09 -24.05
C ARG B 370 -11.44 -20.99 -25.01
N ARG B 371 -12.65 -21.00 -24.47
CA ARG B 371 -13.85 -20.79 -25.28
C ARG B 371 -13.88 -19.40 -25.90
N LYS B 372 -13.23 -18.43 -25.26
CA LYS B 372 -13.08 -17.11 -25.86
C LYS B 372 -12.03 -17.11 -26.96
N LEU B 373 -10.92 -17.83 -26.75
CA LEU B 373 -9.78 -17.77 -27.65
C LEU B 373 -10.09 -18.42 -28.99
N GLU B 374 -10.73 -19.59 -28.95
CA GLU B 374 -11.02 -20.30 -30.19
C GLU B 374 -12.03 -19.55 -31.06
N LYS B 375 -12.91 -18.76 -30.44
CA LYS B 375 -13.80 -17.90 -31.21
C LYS B 375 -13.04 -16.84 -31.98
N VAL B 376 -11.98 -16.28 -31.39
CA VAL B 376 -11.18 -15.30 -32.10
C VAL B 376 -10.37 -15.96 -33.21
N LEU B 377 -9.82 -17.14 -32.94
CA LEU B 377 -9.04 -17.85 -33.95
C LEU B 377 -9.89 -18.34 -35.10
N SER B 378 -11.18 -18.57 -34.88
CA SER B 378 -12.09 -18.84 -35.99
C SER B 378 -12.27 -17.61 -36.88
N LEU B 379 -12.54 -16.45 -36.25
CA LEU B 379 -12.98 -15.30 -37.03
C LEU B 379 -11.85 -14.64 -37.78
N LEU B 380 -10.66 -14.53 -37.17
CA LEU B 380 -9.67 -13.69 -37.82
C LEU B 380 -8.91 -14.44 -38.90
N LYS B 381 -9.12 -15.76 -39.02
CA LYS B 381 -8.37 -16.58 -39.95
C LYS B 381 -8.81 -16.37 -41.40
N ARG B 382 -10.01 -15.81 -41.62
CA ARG B 382 -10.54 -15.58 -42.97
C ARG B 382 -9.69 -14.61 -43.77
N TYR B 383 -8.88 -13.80 -43.11
CA TYR B 383 -7.83 -13.02 -43.74
C TYR B 383 -6.49 -13.46 -43.19
N GLU B 384 -5.55 -13.75 -44.10
CA GLU B 384 -4.14 -13.83 -43.76
C GLU B 384 -3.30 -13.05 -44.78
N ASP B 385 -3.88 -12.01 -45.37
CA ASP B 385 -3.17 -11.25 -46.40
C ASP B 385 -2.12 -10.34 -45.78
N LYS B 386 -2.54 -9.38 -44.97
CA LYS B 386 -1.62 -8.42 -44.37
C LYS B 386 -1.42 -8.65 -42.89
N LEU B 387 -2.10 -9.63 -42.30
CA LEU B 387 -2.20 -9.76 -40.84
C LEU B 387 -1.71 -11.14 -40.40
N LEU B 388 -0.41 -11.28 -40.23
CA LEU B 388 0.14 -12.49 -39.64
C LEU B 388 0.04 -12.40 -38.12
N ILE B 389 -0.03 -13.57 -37.49
CA ILE B 389 -0.25 -13.66 -36.06
C ILE B 389 0.90 -14.45 -35.44
N ILE B 390 1.49 -13.90 -34.38
CA ILE B 390 2.62 -14.50 -33.69
C ILE B 390 2.19 -14.88 -32.28
N GLY B 391 2.66 -16.03 -31.80
CA GLY B 391 2.32 -16.48 -30.45
C GLY B 391 0.85 -16.75 -30.23
N GLU B 392 0.22 -17.52 -31.12
CA GLU B 392 -1.23 -17.63 -31.21
C GLU B 392 -1.87 -18.35 -30.03
N ARG B 393 -1.09 -18.96 -29.15
CA ARG B 393 -1.64 -20.06 -28.37
C ARG B 393 -1.98 -19.70 -26.93
N SER B 394 -1.23 -18.79 -26.32
CA SER B 394 -1.16 -18.73 -24.86
C SER B 394 -1.93 -17.55 -24.29
N GLY B 395 -2.83 -17.85 -23.35
CA GLY B 395 -3.29 -16.89 -22.39
C GLY B 395 -4.33 -15.88 -22.83
N LEU B 396 -3.94 -14.61 -22.76
CA LEU B 396 -4.90 -13.50 -22.74
C LEU B 396 -4.63 -12.43 -23.78
N HIS B 397 -3.64 -12.59 -24.65
CA HIS B 397 -3.32 -11.55 -25.60
C HIS B 397 -2.60 -12.15 -26.80
N ILE B 398 -2.94 -11.62 -27.97
CA ILE B 398 -2.28 -11.96 -29.22
C ILE B 398 -1.60 -10.71 -29.75
N VAL B 399 -0.62 -10.90 -30.61
CA VAL B 399 0.04 -9.80 -31.30
C VAL B 399 -0.23 -9.98 -32.79
N LEU B 400 -0.56 -8.89 -33.46
CA LEU B 400 -1.21 -8.93 -34.77
C LEU B 400 -0.48 -7.94 -35.68
N VAL B 401 0.35 -8.46 -36.57
CA VAL B 401 1.17 -7.59 -37.41
C VAL B 401 0.31 -7.00 -38.52
N VAL B 402 0.82 -5.99 -39.20
CA VAL B 402 0.05 -5.32 -40.23
C VAL B 402 0.96 -4.85 -41.36
N LYS B 403 0.60 -5.18 -42.59
CA LYS B 403 1.38 -4.80 -43.77
C LYS B 403 0.61 -3.79 -44.61
N ASN B 404 -0.03 -2.83 -43.95
CA ASN B 404 -0.65 -1.70 -44.62
C ASN B 404 0.42 -0.87 -45.34
N GLY B 405 -0.01 -0.15 -46.38
CA GLY B 405 0.88 0.73 -47.10
C GLY B 405 1.14 2.07 -46.45
N MET B 406 0.92 2.19 -45.13
CA MET B 406 1.27 3.41 -44.42
C MET B 406 1.84 3.05 -43.05
N ASP B 407 2.29 4.09 -42.34
CA ASP B 407 3.12 3.93 -41.15
C ASP B 407 2.31 3.37 -39.99
N GLU B 408 3.03 2.91 -38.96
CA GLU B 408 2.38 2.30 -37.82
C GLU B 408 1.71 3.32 -36.91
N GLN B 409 2.13 4.60 -37.00
CA GLN B 409 1.56 5.62 -36.14
C GLN B 409 0.11 5.89 -36.50
N THR B 410 -0.22 5.82 -37.78
CA THR B 410 -1.60 6.05 -38.21
C THR B 410 -2.52 4.94 -37.77
N LEU B 411 -1.99 3.73 -37.53
CA LEU B 411 -2.83 2.57 -37.31
C LEU B 411 -3.45 2.57 -35.92
N VAL B 412 -2.71 3.02 -34.91
CA VAL B 412 -3.26 3.04 -33.56
C VAL B 412 -4.28 4.17 -33.41
N GLU B 413 -4.02 5.31 -34.04
CA GLU B 413 -4.93 6.43 -33.93
C GLU B 413 -6.09 6.35 -34.90
N LYS B 414 -6.04 5.47 -35.90
CA LYS B 414 -7.20 5.28 -36.75
C LYS B 414 -8.26 4.45 -36.05
N ALA B 415 -7.87 3.63 -35.08
CA ALA B 415 -8.85 2.91 -34.27
C ALA B 415 -9.53 3.82 -33.26
N LEU B 416 -8.95 4.99 -32.98
CA LEU B 416 -9.66 5.98 -32.18
C LEU B 416 -10.75 6.69 -32.96
N ALA B 417 -10.73 6.60 -34.29
CA ALA B 417 -11.74 7.29 -35.09
C ALA B 417 -13.10 6.63 -34.96
N ALA B 418 -13.13 5.33 -34.66
CA ALA B 418 -14.37 4.63 -34.36
C ALA B 418 -14.52 4.33 -32.88
N LYS B 419 -13.76 5.05 -32.04
CA LYS B 419 -13.76 4.96 -30.59
C LYS B 419 -13.44 3.53 -30.13
N ALA B 420 -12.22 3.12 -30.44
CA ALA B 420 -11.69 1.85 -29.95
C ALA B 420 -10.26 2.05 -29.51
N LYS B 421 -9.80 1.21 -28.60
CA LYS B 421 -8.45 1.32 -28.04
C LYS B 421 -7.63 0.11 -28.41
N VAL B 422 -6.43 0.36 -28.96
CA VAL B 422 -5.45 -0.65 -29.30
C VAL B 422 -4.10 -0.18 -28.77
N TYR B 423 -3.21 -1.13 -28.52
CA TYR B 423 -1.96 -0.83 -27.82
C TYR B 423 -0.78 -1.21 -28.70
N PRO B 424 0.09 -0.30 -29.07
CA PRO B 424 1.19 -0.64 -29.98
C PRO B 424 2.36 -1.25 -29.23
N LEU B 425 3.39 -1.60 -30.00
CA LEU B 425 4.63 -2.13 -29.45
C LEU B 425 5.82 -1.22 -29.78
N SER B 426 5.62 0.08 -29.75
CA SER B 426 6.71 1.02 -29.69
C SER B 426 6.91 1.54 -28.28
N ALA B 427 6.19 0.99 -27.31
CA ALA B 427 6.24 1.41 -25.91
C ALA B 427 6.93 0.38 -25.03
N TYR B 428 6.78 -0.89 -25.35
CA TYR B 428 7.35 -1.95 -24.54
C TYR B 428 8.81 -2.18 -24.83
N SER B 429 9.38 -1.44 -25.78
CA SER B 429 10.77 -1.60 -26.17
C SER B 429 11.50 -0.27 -26.06
N LEU B 430 12.80 -0.35 -25.79
CA LEU B 430 13.62 0.86 -25.73
C LEU B 430 13.79 1.48 -27.11
N GLU B 431 14.42 0.75 -28.03
CA GLU B 431 14.72 1.30 -29.34
C GLU B 431 13.52 1.14 -30.28
N ARG B 432 13.52 1.94 -31.34
CA ARG B 432 12.44 1.97 -32.34
C ARG B 432 13.04 1.80 -33.74
N ALA B 433 13.02 0.57 -34.24
CA ALA B 433 13.32 0.30 -35.63
C ALA B 433 12.39 -0.76 -36.20
N ILE B 434 11.10 -0.67 -35.89
CA ILE B 434 10.12 -1.68 -36.32
C ILE B 434 9.55 -1.20 -37.64
N HIS B 435 10.26 -1.51 -38.73
CA HIS B 435 9.72 -1.31 -40.06
C HIS B 435 8.64 -2.34 -40.42
N PRO B 436 8.67 -3.58 -39.91
CA PRO B 436 7.41 -4.32 -39.79
C PRO B 436 6.58 -3.78 -38.64
N PRO B 437 5.41 -3.22 -38.92
CA PRO B 437 4.59 -2.63 -37.84
C PRO B 437 3.97 -3.72 -36.98
N GLN B 438 4.40 -3.79 -35.73
CA GLN B 438 3.85 -4.72 -34.76
C GLN B 438 2.83 -4.00 -33.89
N ILE B 439 1.76 -4.72 -33.51
CA ILE B 439 0.73 -4.22 -32.61
C ILE B 439 0.22 -5.38 -31.78
N VAL B 440 0.13 -5.21 -30.44
CA VAL B 440 -0.46 -6.22 -29.57
C VAL B 440 -1.93 -5.88 -29.40
N LEU B 441 -2.75 -6.91 -29.24
CA LEU B 441 -4.19 -6.75 -29.04
C LEU B 441 -4.61 -7.58 -27.83
N GLY B 442 -5.84 -7.35 -27.39
CA GLY B 442 -6.39 -8.11 -26.29
C GLY B 442 -7.87 -8.38 -26.50
N PHE B 443 -8.37 -9.35 -25.75
CA PHE B 443 -9.77 -9.70 -25.79
C PHE B 443 -10.36 -9.92 -24.41
N GLY B 444 -9.56 -9.89 -23.36
CA GLY B 444 -9.93 -10.37 -22.04
C GLY B 444 -11.02 -9.58 -21.34
N SER B 445 -11.39 -8.42 -21.87
CA SER B 445 -12.47 -7.61 -21.32
C SER B 445 -13.74 -7.61 -22.16
N ILE B 446 -13.63 -7.84 -23.45
CA ILE B 446 -14.81 -7.77 -24.35
C ILE B 446 -15.69 -8.98 -24.13
N PRO B 447 -17.00 -8.83 -24.06
CA PRO B 447 -17.88 -10.00 -23.95
C PRO B 447 -18.20 -10.61 -25.30
N GLU B 448 -18.69 -11.85 -25.25
CA GLU B 448 -18.83 -12.70 -26.43
C GLU B 448 -19.86 -12.15 -27.40
N ASP B 449 -20.94 -11.55 -26.87
CA ASP B 449 -22.10 -11.17 -27.67
C ASP B 449 -21.79 -10.06 -28.67
N GLU B 450 -20.73 -9.30 -28.46
CA GLU B 450 -20.37 -8.20 -29.36
C GLU B 450 -18.97 -8.34 -29.93
N LEU B 451 -18.35 -9.53 -29.84
CA LEU B 451 -17.08 -9.80 -30.52
C LEU B 451 -17.19 -9.64 -32.03
N GLU B 452 -18.34 -10.01 -32.59
CA GLU B 452 -18.55 -10.05 -34.03
C GLU B 452 -18.54 -8.65 -34.63
N GLU B 453 -19.27 -7.73 -33.99
CA GLU B 453 -19.17 -6.32 -34.34
C GLU B 453 -17.83 -5.75 -33.93
N ALA B 454 -17.23 -6.27 -32.86
CA ALA B 454 -16.05 -5.67 -32.25
C ALA B 454 -14.84 -5.77 -33.15
N ILE B 455 -14.53 -6.97 -33.61
CA ILE B 455 -13.35 -7.15 -34.47
C ILE B 455 -13.59 -6.52 -35.84
N ALA B 456 -14.85 -6.49 -36.30
CA ALA B 456 -15.18 -5.84 -37.56
C ALA B 456 -15.08 -4.33 -37.45
N THR B 457 -15.20 -3.80 -36.24
CA THR B 457 -15.02 -2.37 -36.04
C THR B 457 -13.57 -1.96 -36.28
N VAL B 458 -12.62 -2.70 -35.71
CA VAL B 458 -11.22 -2.29 -35.82
C VAL B 458 -10.64 -2.69 -37.18
N LEU B 459 -11.10 -3.80 -37.75
CA LEU B 459 -10.57 -4.18 -39.07
C LEU B 459 -11.09 -3.26 -40.17
N ASN B 460 -12.40 -3.02 -40.22
CA ASN B 460 -12.92 -2.12 -41.24
C ASN B 460 -12.66 -0.68 -40.91
N ALA B 461 -12.31 -0.38 -39.65
CA ALA B 461 -11.76 0.93 -39.34
C ALA B 461 -10.36 1.07 -39.89
N TRP B 462 -9.63 -0.03 -40.04
CA TRP B 462 -8.31 -0.01 -40.65
C TRP B 462 -8.36 -0.01 -42.17
N GLY B 463 -9.56 -0.03 -42.77
CA GLY B 463 -9.66 -0.02 -44.21
C GLY B 463 -9.83 -1.37 -44.85
N PHE B 464 -10.82 -2.14 -44.38
CA PHE B 464 -11.16 -3.41 -44.98
C PHE B 464 -12.52 -3.36 -45.69
#